data_8CZK
#
_entry.id   8CZK
#
_cell.length_a   55.688
_cell.length_b   120.562
_cell.length_c   144.224
_cell.angle_alpha   90.00
_cell.angle_beta   90.00
_cell.angle_gamma   90.00
#
_symmetry.space_group_name_H-M   'P 21 21 21'
#
loop_
_entity.id
_entity.type
_entity.pdbx_description
1 polymer 'Glutathione S-transferase LANCL1'
2 polymer 'Deb-Erk peptide'
3 non-polymer 'ZINC ION'
4 non-polymer GLUTATHIONE
5 water water
#
loop_
_entity_poly.entity_id
_entity_poly.type
_entity_poly.pdbx_seq_one_letter_code
_entity_poly.pdbx_strand_id
1 'polypeptide(L)'
;MGSSHHHHHHSSGLVPRGSHMAQRAFPNPYADYNKSLAEGYFDAAGRLTPEFSQRLTNKIRELLQQMERGLKSADPRDGT
GYTGWAGIAVLYLHLYDVFGDPAYLQLAHGYVKQSLNCLTKRSITFLCGDAGPLAVAAVLYHKMNNEKQAEDCITRLIHL
NKIDPHAPNEMLYGRIGYIYALLFVNKNFGVEKIPQSHIQQICETILTSGENLARKRNFTAKSPLMYEWYQEYYVGAAHG
LAGIYYYLMQPSLQVSQGKLHSLVKPSVDYVCQLKFPSGNYPPCIGDNRDLLVHWCHGAPGVIYMLIQAYKVFREEKYLC
DAYQCADVIWQYGLLKKGYGLCHGSAGNAYAFLTLYNLTQDMKYLYRACKFAEWCLEYGEHGCRTPDTPFSLFEGMAGTI
YFLADLLVPTKARFPAFEL
;
A,B
2 'polypeptide(L)' GFL(DBU)EY C,D
#
# COMPACT_ATOMS: atom_id res chain seq x y z
N HIS A 20 16.80 27.21 4.28
CA HIS A 20 16.36 25.79 4.01
C HIS A 20 14.87 25.63 4.29
N MET A 21 14.42 26.14 5.45
CA MET A 21 13.01 26.24 5.74
C MET A 21 12.36 27.12 4.68
N ALA A 22 13.10 28.12 4.22
CA ALA A 22 12.63 29.13 3.29
C ALA A 22 12.15 28.48 2.00
N GLN A 23 12.81 27.38 1.61
CA GLN A 23 12.55 26.71 0.35
C GLN A 23 11.24 25.95 0.40
N ARG A 24 10.68 25.77 1.60
CA ARG A 24 9.52 24.92 1.79
C ARG A 24 8.26 25.76 2.01
N ALA A 25 8.44 27.08 2.12
CA ALA A 25 7.34 27.97 2.49
C ALA A 25 7.22 29.09 1.47
N PHE A 26 5.98 29.59 1.32
CA PHE A 26 5.75 30.85 0.64
C PHE A 26 6.19 31.98 1.55
N PRO A 27 6.73 33.09 1.02
CA PRO A 27 6.95 34.30 1.81
C PRO A 27 5.62 34.74 2.41
N ASN A 28 5.64 35.13 3.69
CA ASN A 28 4.45 35.60 4.38
C ASN A 28 4.11 37.00 3.87
N PRO A 29 2.98 37.18 3.15
CA PRO A 29 2.64 38.47 2.55
C PRO A 29 1.99 39.49 3.49
N TYR A 30 1.79 39.08 4.76
CA TYR A 30 0.98 39.87 5.68
C TYR A 30 1.87 40.62 6.67
N ALA A 31 1.39 41.77 7.13
CA ALA A 31 2.02 42.49 8.23
C ALA A 31 1.64 41.83 9.55
N ASP A 32 2.54 41.94 10.55
CA ASP A 32 2.30 41.41 11.89
C ASP A 32 1.27 42.29 12.60
N TYR A 33 0.88 41.86 13.80
CA TYR A 33 -0.24 42.43 14.54
C TYR A 33 -0.04 43.91 14.83
N ASN A 34 -1.14 44.66 14.74
CA ASN A 34 -1.33 45.93 15.42
C ASN A 34 -2.83 46.13 15.63
N LYS A 35 -3.20 47.00 16.58
CA LYS A 35 -4.58 47.14 17.02
C LYS A 35 -5.48 47.49 15.84
N SER A 36 -4.90 48.24 14.87
CA SER A 36 -5.64 48.79 13.76
C SER A 36 -5.95 47.71 12.72
N LEU A 37 -4.94 46.92 12.34
CA LEU A 37 -5.08 45.84 11.38
C LEU A 37 -6.04 44.77 11.90
N ALA A 38 -6.14 44.66 13.23
CA ALA A 38 -6.83 43.56 13.87
C ALA A 38 -8.33 43.85 13.97
N GLU A 39 -8.71 45.12 13.77
CA GLU A 39 -10.07 45.59 14.00
C GLU A 39 -11.03 44.93 13.03
N GLY A 40 -10.56 44.66 11.80
CA GLY A 40 -11.35 43.99 10.79
C GLY A 40 -11.76 42.57 11.19
N TYR A 41 -10.93 41.92 12.02
CA TYR A 41 -11.04 40.49 12.32
C TYR A 41 -11.81 40.23 13.62
N PHE A 42 -11.50 40.99 14.67
CA PHE A 42 -12.12 40.77 15.97
C PHE A 42 -12.11 42.07 16.79
N ASP A 43 -13.01 42.14 17.78
CA ASP A 43 -13.16 43.29 18.64
C ASP A 43 -12.14 43.22 19.78
N ALA A 44 -12.27 44.12 20.75
CA ALA A 44 -11.29 44.24 21.82
C ALA A 44 -11.41 43.08 22.81
N ALA A 45 -12.51 42.32 22.72
CA ALA A 45 -12.73 41.14 23.54
C ALA A 45 -12.30 39.86 22.82
N GLY A 46 -11.68 39.99 21.63
CA GLY A 46 -11.19 38.85 20.88
C GLY A 46 -12.30 38.07 20.18
N ARG A 47 -13.48 38.68 20.06
CA ARG A 47 -14.66 38.10 19.43
C ARG A 47 -14.66 38.50 17.95
N LEU A 48 -14.78 37.49 17.05
CA LEU A 48 -14.71 37.75 15.62
C LEU A 48 -15.81 38.71 15.20
N THR A 49 -15.53 39.56 14.21
CA THR A 49 -16.53 40.45 13.67
C THR A 49 -17.59 39.63 12.94
N PRO A 50 -18.86 40.09 12.87
CA PRO A 50 -19.86 39.48 11.99
C PRO A 50 -19.36 39.27 10.57
N GLU A 51 -18.58 40.23 10.03
CA GLU A 51 -18.17 40.19 8.64
C GLU A 51 -17.16 39.06 8.41
N PHE A 52 -16.16 38.95 9.31
CA PHE A 52 -15.14 37.92 9.14
C PHE A 52 -15.73 36.53 9.40
N SER A 53 -16.63 36.43 10.39
CA SER A 53 -17.40 35.23 10.69
C SER A 53 -18.10 34.71 9.44
N GLN A 54 -18.78 35.63 8.73
CA GLN A 54 -19.58 35.27 7.57
C GLN A 54 -18.68 34.82 6.42
N ARG A 55 -17.53 35.48 6.25
CA ARG A 55 -16.58 35.12 5.21
C ARG A 55 -16.00 33.74 5.47
N LEU A 56 -15.77 33.40 6.74
CA LEU A 56 -15.35 32.06 7.10
C LEU A 56 -16.45 31.07 6.74
N THR A 57 -17.70 31.42 7.08
CA THR A 57 -18.83 30.54 6.87
C THR A 57 -19.02 30.26 5.37
N ASN A 58 -18.91 31.32 4.56
CA ASN A 58 -19.11 31.20 3.12
C ASN A 58 -18.06 30.25 2.53
N LYS A 59 -16.82 30.33 3.00
CA LYS A 59 -15.75 29.49 2.46
C LYS A 59 -15.99 28.03 2.87
N ILE A 60 -16.48 27.84 4.10
CA ILE A 60 -16.76 26.52 4.65
C ILE A 60 -17.81 25.82 3.78
N ARG A 61 -18.86 26.56 3.41
CA ARG A 61 -19.97 26.03 2.62
C ARG A 61 -19.48 25.65 1.22
N GLU A 62 -18.59 26.47 0.65
CA GLU A 62 -18.07 26.24 -0.68
C GLU A 62 -17.17 24.99 -0.70
N LEU A 63 -16.28 24.88 0.29
CA LEU A 63 -15.32 23.78 0.33
C LEU A 63 -16.01 22.46 0.66
N LEU A 64 -17.02 22.49 1.53
CA LEU A 64 -17.81 21.30 1.83
C LEU A 64 -18.39 20.70 0.54
N GLN A 65 -18.86 21.56 -0.37
CA GLN A 65 -19.40 21.11 -1.65
C GLN A 65 -18.34 20.29 -2.41
N GLN A 66 -17.13 20.83 -2.50
CA GLN A 66 -16.05 20.16 -3.22
C GLN A 66 -15.63 18.89 -2.49
N MET A 67 -15.66 18.92 -1.15
CA MET A 67 -15.25 17.78 -0.34
C MET A 67 -16.21 16.62 -0.56
N GLU A 68 -17.53 16.91 -0.47
CA GLU A 68 -18.55 15.90 -0.69
C GLU A 68 -18.34 15.20 -2.04
N ARG A 69 -18.05 16.00 -3.08
CA ARG A 69 -17.89 15.46 -4.42
C ARG A 69 -16.61 14.63 -4.52
N GLY A 70 -15.51 15.17 -4.00
CA GLY A 70 -14.22 14.50 -4.03
C GLY A 70 -14.23 13.15 -3.31
N LEU A 71 -14.98 13.07 -2.20
CA LEU A 71 -15.01 11.87 -1.38
C LEU A 71 -15.69 10.71 -2.10
N LYS A 72 -16.47 11.00 -3.14
CA LYS A 72 -17.06 9.93 -3.94
C LYS A 72 -15.97 9.02 -4.52
N SER A 73 -14.76 9.57 -4.73
CA SER A 73 -13.68 8.81 -5.34
C SER A 73 -12.70 8.25 -4.30
N ALA A 74 -12.99 8.43 -3.00
CA ALA A 74 -12.05 7.99 -1.98
C ALA A 74 -12.12 6.46 -1.83
N ASP A 75 -11.01 5.88 -1.34
CA ASP A 75 -10.89 4.44 -1.16
C ASP A 75 -11.98 3.94 -0.21
N PRO A 76 -12.86 3.02 -0.66
CA PRO A 76 -13.92 2.47 0.21
C PRO A 76 -13.42 1.84 1.52
N ARG A 77 -12.18 1.31 1.49
CA ARG A 77 -11.67 0.44 2.54
C ARG A 77 -11.09 1.23 3.73
N ASP A 78 -10.69 2.48 3.51
CA ASP A 78 -10.01 3.23 4.55
C ASP A 78 -11.03 4.00 5.40
N GLY A 79 -11.27 3.51 6.62
CA GLY A 79 -12.21 4.14 7.53
C GLY A 79 -11.56 4.97 8.63
N THR A 80 -10.24 5.19 8.56
CA THR A 80 -9.47 5.78 9.66
C THR A 80 -9.76 7.28 9.83
N GLY A 81 -9.38 7.80 11.01
CA GLY A 81 -9.49 9.22 11.28
C GLY A 81 -8.52 10.03 10.43
N TYR A 82 -7.31 9.47 10.24
CA TYR A 82 -6.22 10.19 9.61
C TYR A 82 -6.53 10.47 8.14
N THR A 83 -6.88 9.42 7.37
CA THR A 83 -7.04 9.53 5.93
C THR A 83 -8.43 9.12 5.43
N GLY A 84 -9.26 8.54 6.30
CA GLY A 84 -10.49 7.88 5.86
C GLY A 84 -11.77 8.41 6.52
N TRP A 85 -12.80 7.53 6.55
CA TRP A 85 -14.19 7.90 6.76
C TRP A 85 -14.43 8.46 8.15
N ALA A 86 -13.76 7.90 9.17
CA ALA A 86 -14.03 8.31 10.54
C ALA A 86 -13.62 9.77 10.71
N GLY A 87 -12.57 10.18 9.99
CA GLY A 87 -12.12 11.55 9.97
C GLY A 87 -13.16 12.53 9.43
N ILE A 88 -13.88 12.11 8.37
CA ILE A 88 -14.92 12.96 7.81
C ILE A 88 -16.05 13.12 8.84
N ALA A 89 -16.36 12.03 9.55
CA ALA A 89 -17.35 12.07 10.61
C ALA A 89 -16.92 13.00 11.75
N VAL A 90 -15.64 12.99 12.11
CA VAL A 90 -15.10 13.93 13.09
C VAL A 90 -15.46 15.36 12.65
N LEU A 91 -15.23 15.67 11.37
CA LEU A 91 -15.50 17.02 10.88
C LEU A 91 -16.98 17.37 11.04
N TYR A 92 -17.87 16.46 10.64
CA TYR A 92 -19.30 16.77 10.66
C TYR A 92 -19.85 16.86 12.09
N LEU A 93 -19.34 16.03 13.02
CA LEU A 93 -19.74 16.18 14.41
C LEU A 93 -19.39 17.59 14.88
N HIS A 94 -18.23 18.06 14.45
CA HIS A 94 -17.73 19.38 14.83
C HIS A 94 -18.61 20.47 14.25
N LEU A 95 -18.93 20.35 12.95
CA LEU A 95 -19.75 21.32 12.24
C LEU A 95 -21.14 21.36 12.85
N TYR A 96 -21.66 20.19 13.25
CA TYR A 96 -22.93 20.13 13.96
C TYR A 96 -22.85 20.93 15.26
N ASP A 97 -21.74 20.80 16.00
CA ASP A 97 -21.58 21.51 17.27
CA ASP A 97 -21.55 21.50 17.26
C ASP A 97 -21.44 23.01 17.02
N VAL A 98 -20.78 23.40 15.92
CA VAL A 98 -20.54 24.80 15.62
C VAL A 98 -21.83 25.46 15.11
N PHE A 99 -22.51 24.82 14.14
CA PHE A 99 -23.57 25.48 13.39
C PHE A 99 -24.96 25.03 13.83
N GLY A 100 -25.09 23.81 14.37
CA GLY A 100 -26.37 23.35 14.88
C GLY A 100 -27.29 22.82 13.79
N ASP A 101 -26.81 22.80 12.54
CA ASP A 101 -27.57 22.30 11.40
C ASP A 101 -27.72 20.78 11.49
N PRO A 102 -28.96 20.25 11.58
CA PRO A 102 -29.19 18.81 11.71
C PRO A 102 -28.61 17.98 10.57
N ALA A 103 -28.46 18.59 9.39
CA ALA A 103 -27.99 17.89 8.21
C ALA A 103 -26.52 17.46 8.41
N TYR A 104 -25.80 18.21 9.25
CA TYR A 104 -24.41 17.89 9.54
C TYR A 104 -24.31 16.59 10.36
N LEU A 105 -25.24 16.44 11.32
CA LEU A 105 -25.28 15.24 12.13
C LEU A 105 -25.64 14.03 11.27
N GLN A 106 -26.55 14.24 10.31
CA GLN A 106 -26.95 13.20 9.38
C GLN A 106 -25.78 12.78 8.48
N LEU A 107 -25.01 13.76 8.00
CA LEU A 107 -23.84 13.47 7.19
C LEU A 107 -22.87 12.62 8.02
N ALA A 108 -22.68 13.01 9.28
CA ALA A 108 -21.78 12.31 10.18
C ALA A 108 -22.19 10.84 10.30
N HIS A 109 -23.51 10.59 10.37
CA HIS A 109 -24.06 9.25 10.48
C HIS A 109 -23.62 8.36 9.32
N GLY A 110 -23.76 8.89 8.09
CA GLY A 110 -23.37 8.16 6.90
C GLY A 110 -21.90 7.73 6.95
N TYR A 111 -21.02 8.65 7.33
CA TYR A 111 -19.59 8.41 7.34
C TYR A 111 -19.20 7.42 8.45
N VAL A 112 -19.90 7.50 9.60
CA VAL A 112 -19.73 6.55 10.68
C VAL A 112 -20.05 5.14 10.19
N LYS A 113 -21.18 5.00 9.49
CA LYS A 113 -21.62 3.72 8.98
C LYS A 113 -20.57 3.13 8.05
N GLN A 114 -20.02 3.96 7.14
CA GLN A 114 -18.99 3.50 6.24
C GLN A 114 -17.78 3.02 7.05
N SER A 115 -17.38 3.83 8.05
CA SER A 115 -16.18 3.55 8.83
C SER A 115 -16.30 2.24 9.61
N LEU A 116 -17.51 1.90 10.08
CA LEU A 116 -17.69 0.70 10.88
C LEU A 116 -17.61 -0.57 10.01
N ASN A 117 -17.62 -0.38 8.68
CA ASN A 117 -17.48 -1.50 7.75
C ASN A 117 -16.02 -1.72 7.38
N CYS A 118 -15.11 -0.98 8.00
CA CYS A 118 -13.71 -0.93 7.59
C CYS A 118 -12.76 -1.35 8.71
N LEU A 119 -13.30 -1.91 9.80
CA LEU A 119 -12.45 -2.34 10.90
C LEU A 119 -11.53 -3.44 10.40
N THR A 120 -10.24 -3.36 10.78
CA THR A 120 -9.24 -4.28 10.24
C THR A 120 -8.61 -5.11 11.36
N LYS A 121 -8.76 -4.63 12.61
CA LYS A 121 -8.28 -5.31 13.80
C LYS A 121 -6.75 -5.28 13.90
N ARG A 122 -6.10 -4.31 13.24
CA ARG A 122 -4.65 -4.28 13.19
C ARG A 122 -4.07 -3.16 14.06
N SER A 123 -4.90 -2.17 14.47
CA SER A 123 -4.39 -1.01 15.17
CA SER A 123 -4.40 -0.98 15.13
C SER A 123 -5.39 -0.50 16.19
N ILE A 124 -4.87 0.20 17.21
CA ILE A 124 -5.68 0.59 18.36
C ILE A 124 -5.95 2.10 18.41
N THR A 125 -5.45 2.90 17.44
CA THR A 125 -5.45 4.35 17.65
C THR A 125 -6.70 5.02 17.06
N PHE A 126 -7.02 6.21 17.58
CA PHE A 126 -8.04 7.09 17.03
C PHE A 126 -7.69 7.44 15.58
N LEU A 127 -6.41 7.72 15.29
CA LEU A 127 -6.05 8.22 13.97
C LEU A 127 -5.87 7.12 12.92
N CYS A 128 -5.36 5.94 13.31
CA CYS A 128 -5.02 4.96 12.27
C CYS A 128 -5.56 3.56 12.57
N GLY A 129 -6.38 3.42 13.63
CA GLY A 129 -6.87 2.10 14.00
C GLY A 129 -8.39 2.06 14.20
N ASP A 130 -8.86 0.97 14.81
CA ASP A 130 -10.29 0.73 14.94
C ASP A 130 -10.92 1.64 16.00
N ALA A 131 -10.08 2.31 16.81
CA ALA A 131 -10.58 3.15 17.89
C ALA A 131 -11.26 4.41 17.36
N GLY A 132 -10.82 4.88 16.18
CA GLY A 132 -11.42 6.05 15.55
C GLY A 132 -12.88 5.78 15.18
N PRO A 133 -13.16 4.82 14.27
CA PRO A 133 -14.53 4.39 13.99
C PRO A 133 -15.38 4.18 15.25
N LEU A 134 -14.85 3.45 16.24
CA LEU A 134 -15.65 3.06 17.40
C LEU A 134 -15.97 4.25 18.30
N ALA A 135 -14.96 5.08 18.57
CA ALA A 135 -15.16 6.23 19.46
C ALA A 135 -16.08 7.26 18.81
N VAL A 136 -15.86 7.52 17.51
CA VAL A 136 -16.67 8.50 16.79
C VAL A 136 -18.11 7.99 16.71
N ALA A 137 -18.28 6.69 16.44
CA ALA A 137 -19.60 6.07 16.38
C ALA A 137 -20.33 6.20 17.73
N ALA A 138 -19.62 5.94 18.83
CA ALA A 138 -20.20 6.07 20.16
C ALA A 138 -20.82 7.45 20.35
N VAL A 139 -20.06 8.50 20.01
CA VAL A 139 -20.48 9.88 20.19
C VAL A 139 -21.65 10.20 19.26
N LEU A 140 -21.56 9.77 17.99
CA LEU A 140 -22.61 10.05 17.03
C LEU A 140 -23.93 9.41 17.47
N TYR A 141 -23.88 8.12 17.85
CA TYR A 141 -25.09 7.43 18.29
C TYR A 141 -25.68 8.12 19.52
N HIS A 142 -24.80 8.56 20.42
CA HIS A 142 -25.22 9.27 21.62
C HIS A 142 -25.98 10.56 21.26
N LYS A 143 -25.44 11.33 20.30
CA LYS A 143 -26.03 12.59 19.89
CA LYS A 143 -26.04 12.59 19.90
C LYS A 143 -27.37 12.34 19.19
N MET A 144 -27.57 11.11 18.69
CA MET A 144 -28.81 10.76 18.01
C MET A 144 -29.74 9.96 18.92
N ASN A 145 -29.46 9.94 20.23
CA ASN A 145 -30.31 9.32 21.24
C ASN A 145 -30.46 7.81 20.98
N ASN A 146 -29.38 7.19 20.50
CA ASN A 146 -29.39 5.76 20.23
C ASN A 146 -28.47 5.07 21.26
N GLU A 147 -29.05 4.76 22.42
CA GLU A 147 -28.30 4.28 23.56
C GLU A 147 -27.64 2.93 23.26
N LYS A 148 -28.41 2.00 22.67
CA LYS A 148 -27.95 0.64 22.46
C LYS A 148 -26.67 0.64 21.62
N GLN A 149 -26.72 1.30 20.46
CA GLN A 149 -25.59 1.36 19.55
C GLN A 149 -24.41 2.09 20.19
N ALA A 150 -24.70 3.16 20.95
CA ALA A 150 -23.63 3.92 21.59
C ALA A 150 -22.88 3.02 22.57
N GLU A 151 -23.63 2.28 23.39
CA GLU A 151 -23.05 1.46 24.44
C GLU A 151 -22.27 0.29 23.85
N ASP A 152 -22.77 -0.29 22.76
CA ASP A 152 -22.08 -1.38 22.06
C ASP A 152 -20.73 -0.91 21.54
N CYS A 153 -20.68 0.33 21.04
CA CYS A 153 -19.45 0.91 20.52
C CYS A 153 -18.44 1.09 21.65
N ILE A 154 -18.92 1.56 22.82
CA ILE A 154 -18.04 1.78 23.96
C ILE A 154 -17.42 0.47 24.42
N THR A 155 -18.24 -0.59 24.51
CA THR A 155 -17.79 -1.92 24.90
C THR A 155 -16.64 -2.36 24.01
N ARG A 156 -16.85 -2.26 22.69
CA ARG A 156 -15.86 -2.72 21.72
C ARG A 156 -14.58 -1.91 21.87
N LEU A 157 -14.72 -0.61 22.15
CA LEU A 157 -13.59 0.30 22.26
C LEU A 157 -12.74 -0.09 23.48
N ILE A 158 -13.41 -0.40 24.59
CA ILE A 158 -12.73 -0.77 25.82
C ILE A 158 -11.93 -2.06 25.61
N HIS A 159 -12.48 -3.02 24.87
CA HIS A 159 -11.87 -4.32 24.69
C HIS A 159 -10.74 -4.27 23.65
N LEU A 160 -10.67 -3.18 22.90
CA LEU A 160 -9.72 -3.03 21.81
C LEU A 160 -8.28 -3.07 22.32
N ASN A 161 -8.12 -2.74 23.61
CA ASN A 161 -6.83 -2.71 24.29
C ASN A 161 -6.07 -4.01 24.05
N LYS A 162 -6.77 -5.13 24.22
CA LYS A 162 -6.18 -6.46 24.26
C LYS A 162 -5.51 -6.84 22.94
N ILE A 163 -6.01 -6.30 21.83
CA ILE A 163 -5.63 -6.81 20.51
C ILE A 163 -4.14 -6.58 20.23
N ASP A 164 -3.58 -5.48 20.75
CA ASP A 164 -2.18 -5.16 20.49
C ASP A 164 -1.48 -4.69 21.76
N PRO A 165 -0.92 -5.60 22.59
CA PRO A 165 0.13 -5.22 23.54
C PRO A 165 1.45 -5.22 22.77
N HIS A 166 2.47 -4.54 23.34
CA HIS A 166 3.74 -4.35 22.68
C HIS A 166 3.60 -3.36 21.52
N ALA A 167 2.50 -2.58 21.54
CA ALA A 167 2.33 -1.44 20.65
C ALA A 167 3.36 -0.37 21.01
N PRO A 168 3.70 0.56 20.09
CA PRO A 168 4.53 1.72 20.45
C PRO A 168 3.74 2.67 21.36
N ASN A 169 4.31 3.84 21.67
CA ASN A 169 3.73 4.75 22.65
C ASN A 169 3.15 6.02 22.04
N GLU A 170 3.37 6.23 20.73
CA GLU A 170 3.14 7.50 20.05
C GLU A 170 1.70 7.63 19.53
N MET A 171 1.43 8.64 18.68
CA MET A 171 0.08 9.12 18.40
CA MET A 171 0.08 9.10 18.41
C MET A 171 -0.59 8.30 17.30
N LEU A 172 0.15 7.98 16.23
CA LEU A 172 -0.49 7.36 15.07
C LEU A 172 -0.75 5.88 15.28
N TYR A 173 0.11 5.18 16.03
CA TYR A 173 0.05 3.72 16.10
C TYR A 173 0.16 3.20 17.53
N GLY A 174 0.38 4.10 18.51
CA GLY A 174 0.72 3.67 19.84
C GLY A 174 -0.30 4.06 20.91
N ARG A 175 0.15 3.99 22.18
CA ARG A 175 -0.73 3.99 23.34
C ARG A 175 -1.43 5.34 23.53
N ILE A 176 -0.74 6.45 23.25
CA ILE A 176 -1.41 7.74 23.48
C ILE A 176 -2.51 7.95 22.44
N GLY A 177 -2.36 7.30 21.27
CA GLY A 177 -3.39 7.33 20.23
C GLY A 177 -4.66 6.61 20.67
N TYR A 178 -4.51 5.54 21.47
CA TYR A 178 -5.66 4.83 22.01
C TYR A 178 -6.29 5.64 23.14
N ILE A 179 -5.43 6.21 24.00
CA ILE A 179 -5.89 7.03 25.10
C ILE A 179 -6.76 8.18 24.58
N TYR A 180 -6.34 8.82 23.48
CA TYR A 180 -7.14 9.92 22.97
C TYR A 180 -8.58 9.48 22.71
N ALA A 181 -8.77 8.29 22.12
CA ALA A 181 -10.09 7.78 21.78
C ALA A 181 -10.97 7.70 23.03
N LEU A 182 -10.38 7.21 24.13
CA LEU A 182 -11.07 7.09 25.40
C LEU A 182 -11.45 8.47 25.94
N LEU A 183 -10.52 9.43 25.88
CA LEU A 183 -10.78 10.77 26.37
C LEU A 183 -11.85 11.46 25.52
N PHE A 184 -11.88 11.14 24.22
CA PHE A 184 -12.81 11.73 23.26
C PHE A 184 -14.25 11.35 23.63
N VAL A 185 -14.42 10.08 24.01
CA VAL A 185 -15.72 9.60 24.46
C VAL A 185 -16.14 10.33 25.74
N ASN A 186 -15.25 10.39 26.73
CA ASN A 186 -15.58 10.97 28.02
C ASN A 186 -15.93 12.46 27.87
N LYS A 187 -15.16 13.17 27.03
CA LYS A 187 -15.39 14.58 26.81
C LYS A 187 -16.81 14.78 26.28
N ASN A 188 -17.19 13.99 25.27
CA ASN A 188 -18.40 14.23 24.51
C ASN A 188 -19.65 13.76 25.24
N PHE A 189 -19.51 12.73 26.08
CA PHE A 189 -20.64 12.26 26.88
C PHE A 189 -20.81 13.14 28.11
N GLY A 190 -19.73 13.85 28.48
CA GLY A 190 -19.73 14.72 29.65
C GLY A 190 -19.66 13.95 30.96
N VAL A 191 -19.52 12.62 30.88
CA VAL A 191 -19.37 11.77 32.05
C VAL A 191 -18.25 10.77 31.80
N GLU A 192 -17.87 10.05 32.86
CA GLU A 192 -16.80 9.06 32.83
C GLU A 192 -17.36 7.73 32.35
N LYS A 193 -17.50 7.59 31.02
CA LYS A 193 -18.02 6.36 30.43
C LYS A 193 -16.92 5.30 30.43
N ILE A 194 -15.69 5.73 30.13
CA ILE A 194 -14.54 4.84 30.28
C ILE A 194 -13.93 5.14 31.64
N PRO A 195 -13.83 4.12 32.54
CA PRO A 195 -13.34 4.35 33.91
C PRO A 195 -11.90 4.84 33.88
N GLN A 196 -11.57 5.75 34.80
CA GLN A 196 -10.25 6.34 34.90
C GLN A 196 -9.18 5.25 35.08
N SER A 197 -9.58 4.12 35.67
CA SER A 197 -8.65 3.03 35.96
C SER A 197 -8.09 2.43 34.67
N HIS A 198 -8.88 2.50 33.59
CA HIS A 198 -8.46 1.97 32.30
C HIS A 198 -7.37 2.85 31.71
N ILE A 199 -7.56 4.18 31.80
CA ILE A 199 -6.59 5.16 31.35
C ILE A 199 -5.31 5.09 32.17
N GLN A 200 -5.47 4.90 33.48
CA GLN A 200 -4.36 4.87 34.41
CA GLN A 200 -4.39 4.84 34.44
C GLN A 200 -3.42 3.70 34.09
N GLN A 201 -4.00 2.54 33.79
CA GLN A 201 -3.24 1.34 33.47
C GLN A 201 -2.36 1.55 32.24
N ILE A 202 -2.88 2.24 31.22
CA ILE A 202 -2.14 2.50 30.00
C ILE A 202 -1.02 3.49 30.28
N CYS A 203 -1.35 4.51 31.09
CA CYS A 203 -0.37 5.52 31.47
CA CYS A 203 -0.38 5.53 31.49
C CYS A 203 0.83 4.89 32.19
N GLU A 204 0.54 3.92 33.07
CA GLU A 204 1.58 3.23 33.83
C GLU A 204 2.51 2.46 32.90
N THR A 205 1.94 1.83 31.86
CA THR A 205 2.69 1.08 30.87
C THR A 205 3.62 2.00 30.08
N ILE A 206 3.14 3.21 29.76
CA ILE A 206 3.90 4.19 28.99
C ILE A 206 5.13 4.64 29.81
N LEU A 207 4.89 4.95 31.09
CA LEU A 207 5.95 5.42 31.96
C LEU A 207 7.01 4.33 32.14
N THR A 208 6.55 3.10 32.43
CA THR A 208 7.44 1.95 32.62
C THR A 208 8.29 1.72 31.37
N SER A 209 7.64 1.77 30.21
CA SER A 209 8.32 1.58 28.94
C SER A 209 9.39 2.65 28.74
N GLY A 210 9.07 3.90 29.08
CA GLY A 210 9.99 5.01 28.92
C GLY A 210 11.24 4.90 29.81
N GLU A 211 11.02 4.53 31.07
CA GLU A 211 12.10 4.36 32.04
C GLU A 211 13.01 3.21 31.60
N ASN A 212 12.39 2.13 31.12
CA ASN A 212 13.10 0.91 30.75
C ASN A 212 14.02 1.19 29.56
N LEU A 213 13.52 1.91 28.55
CA LEU A 213 14.32 2.15 27.37
C LEU A 213 15.47 3.12 27.68
N ALA A 214 15.21 4.13 28.52
CA ALA A 214 16.27 5.06 28.90
C ALA A 214 17.36 4.32 29.66
N ARG A 215 16.96 3.34 30.49
CA ARG A 215 17.85 2.57 31.32
C ARG A 215 18.72 1.64 30.44
N LYS A 216 18.07 0.96 29.50
CA LYS A 216 18.71 0.08 28.53
C LYS A 216 19.81 0.80 27.77
N ARG A 217 19.55 2.02 27.32
CA ARG A 217 20.46 2.75 26.44
C ARG A 217 21.34 3.74 27.21
N ASN A 218 21.12 3.84 28.53
CA ASN A 218 21.88 4.72 29.40
C ASN A 218 21.61 6.19 29.07
N PHE A 219 20.35 6.52 28.76
CA PHE A 219 19.92 7.90 28.59
C PHE A 219 19.71 8.57 29.94
N THR A 220 19.49 7.74 30.98
CA THR A 220 18.86 8.13 32.24
C THR A 220 19.38 9.46 32.78
N ALA A 221 20.71 9.65 32.73
CA ALA A 221 21.31 10.82 33.34
C ALA A 221 20.82 12.12 32.68
N LYS A 222 20.59 12.08 31.36
CA LYS A 222 20.19 13.28 30.61
C LYS A 222 18.68 13.29 30.37
N SER A 223 18.06 12.10 30.35
CA SER A 223 16.65 11.95 30.02
C SER A 223 16.13 10.67 30.67
N PRO A 224 15.45 10.78 31.83
CA PRO A 224 14.93 9.59 32.53
C PRO A 224 13.94 8.74 31.74
N LEU A 225 13.33 9.31 30.69
CA LEU A 225 12.41 8.58 29.83
C LEU A 225 12.94 8.62 28.39
N MET A 226 12.67 7.55 27.63
CA MET A 226 12.98 7.56 26.21
C MET A 226 12.01 6.63 25.47
N TYR A 227 11.65 7.05 24.24
CA TYR A 227 10.71 6.33 23.40
C TYR A 227 11.24 6.28 21.97
N GLU A 228 10.72 5.33 21.18
CA GLU A 228 11.14 5.17 19.79
C GLU A 228 10.01 4.57 18.96
N TRP A 229 10.03 4.85 17.66
CA TRP A 229 9.08 4.28 16.73
C TRP A 229 9.79 3.96 15.42
N TYR A 230 9.52 2.76 14.87
CA TYR A 230 10.29 2.19 13.76
C TYR A 230 11.78 2.51 13.91
N GLN A 231 12.31 2.22 15.10
CA GLN A 231 13.74 2.19 15.37
C GLN A 231 14.38 3.56 15.17
N GLU A 232 13.63 4.63 15.49
CA GLU A 232 14.18 5.98 15.50
CA GLU A 232 14.18 5.98 15.50
C GLU A 232 13.64 6.74 16.71
N TYR A 233 14.45 7.67 17.22
CA TYR A 233 14.06 8.51 18.33
C TYR A 233 13.36 9.76 17.79
N TYR A 234 12.08 9.62 17.44
CA TYR A 234 11.31 10.75 16.92
C TYR A 234 11.07 11.75 18.04
N VAL A 235 11.07 13.04 17.67
CA VAL A 235 11.06 14.15 18.60
C VAL A 235 9.66 14.80 18.70
N GLY A 236 8.87 14.71 17.63
CA GLY A 236 7.72 15.60 17.44
C GLY A 236 6.40 15.02 17.94
N ALA A 237 5.28 15.63 17.49
CA ALA A 237 3.96 15.32 18.03
C ALA A 237 3.42 14.00 17.50
N ALA A 238 3.63 13.73 16.20
CA ALA A 238 2.94 12.62 15.54
C ALA A 238 3.50 11.28 16.00
N HIS A 239 4.83 11.19 16.11
CA HIS A 239 5.47 9.89 16.29
C HIS A 239 6.47 9.92 17.45
N GLY A 240 6.56 11.05 18.16
CA GLY A 240 7.75 11.29 18.96
C GLY A 240 7.52 11.80 20.39
N LEU A 241 8.62 12.23 21.03
CA LEU A 241 8.68 12.59 22.45
C LEU A 241 7.69 13.72 22.80
N ALA A 242 7.63 14.78 21.98
CA ALA A 242 6.80 15.93 22.28
C ALA A 242 5.34 15.53 22.45
N GLY A 243 4.86 14.61 21.62
CA GLY A 243 3.48 14.13 21.72
C GLY A 243 3.23 13.38 23.02
N ILE A 244 4.17 12.48 23.35
CA ILE A 244 4.06 11.61 24.51
C ILE A 244 4.10 12.47 25.79
N TYR A 245 5.05 13.40 25.89
CA TYR A 245 5.20 14.22 27.09
C TYR A 245 4.03 15.20 27.25
N TYR A 246 3.53 15.74 26.13
CA TYR A 246 2.32 16.54 26.15
C TYR A 246 1.20 15.79 26.87
N TYR A 247 1.03 14.50 26.54
CA TYR A 247 -0.01 13.68 27.15
C TYR A 247 0.28 13.42 28.63
N LEU A 248 1.53 13.01 28.93
CA LEU A 248 1.89 12.67 30.30
C LEU A 248 1.72 13.85 31.26
N MET A 249 1.80 15.07 30.72
CA MET A 249 1.66 16.28 31.53
C MET A 249 0.19 16.70 31.68
N GLN A 250 -0.74 15.99 31.02
CA GLN A 250 -2.15 16.35 31.05
C GLN A 250 -2.81 15.89 32.35
N PRO A 251 -3.54 16.78 33.06
CA PRO A 251 -4.32 16.38 34.23
C PRO A 251 -5.22 15.16 34.00
N SER A 252 -5.74 15.01 32.76
CA SER A 252 -6.59 13.89 32.38
C SER A 252 -5.93 12.55 32.68
N LEU A 253 -4.59 12.48 32.54
CA LEU A 253 -3.88 11.21 32.62
C LEU A 253 -3.40 10.94 34.05
N GLN A 254 -3.50 11.96 34.92
CA GLN A 254 -3.36 11.81 36.37
C GLN A 254 -2.01 11.23 36.79
N VAL A 255 -0.94 11.55 36.05
CA VAL A 255 0.40 11.21 36.50
C VAL A 255 0.68 11.95 37.81
N SER A 256 1.30 11.26 38.78
CA SER A 256 1.56 11.80 40.11
C SER A 256 2.58 12.94 40.05
N GLN A 257 2.51 13.83 41.04
CA GLN A 257 3.47 14.92 41.15
C GLN A 257 4.89 14.36 41.19
N GLY A 258 5.05 13.24 41.89
CA GLY A 258 6.33 12.56 42.01
C GLY A 258 6.94 12.24 40.65
N LYS A 259 6.16 11.55 39.80
CA LYS A 259 6.65 11.13 38.49
C LYS A 259 6.74 12.33 37.54
N LEU A 260 5.84 13.31 37.71
CA LEU A 260 5.81 14.52 36.91
CA LEU A 260 5.84 14.51 36.88
C LEU A 260 7.17 15.22 37.00
N HIS A 261 7.68 15.35 38.24
CA HIS A 261 8.93 16.05 38.50
C HIS A 261 10.16 15.17 38.29
N SER A 262 10.11 13.90 38.70
CA SER A 262 11.31 13.07 38.64
C SER A 262 11.54 12.48 37.26
N LEU A 263 10.46 12.26 36.47
CA LEU A 263 10.59 11.55 35.20
C LEU A 263 10.29 12.47 34.02
N VAL A 264 9.11 13.12 34.02
CA VAL A 264 8.62 13.83 32.85
C VAL A 264 9.39 15.14 32.64
N LYS A 265 9.49 15.97 33.68
CA LYS A 265 10.10 17.29 33.52
C LYS A 265 11.52 17.20 32.96
N PRO A 266 12.44 16.38 33.53
CA PRO A 266 13.81 16.31 32.99
C PRO A 266 13.82 15.80 31.54
N SER A 267 12.83 14.98 31.19
CA SER A 267 12.75 14.42 29.85
C SER A 267 12.30 15.50 28.87
N VAL A 268 11.35 16.34 29.30
CA VAL A 268 10.89 17.51 28.56
C VAL A 268 12.07 18.44 28.30
N ASP A 269 12.89 18.65 29.34
CA ASP A 269 14.03 19.56 29.24
C ASP A 269 15.02 19.03 28.21
N TYR A 270 15.20 17.70 28.16
CA TYR A 270 16.09 17.11 27.17
C TYR A 270 15.62 17.49 25.76
N VAL A 271 14.31 17.42 25.53
CA VAL A 271 13.74 17.82 24.23
C VAL A 271 13.99 19.30 23.96
N CYS A 272 13.83 20.15 24.99
CA CYS A 272 13.98 21.59 24.78
C CYS A 272 15.39 21.90 24.28
N GLN A 273 16.36 21.10 24.74
CA GLN A 273 17.78 21.26 24.47
C GLN A 273 18.12 20.81 23.04
N LEU A 274 17.18 20.16 22.35
CA LEU A 274 17.42 19.70 20.98
C LEU A 274 17.15 20.82 19.96
N LYS A 275 16.52 21.90 20.41
CA LYS A 275 16.13 23.05 19.59
C LYS A 275 17.27 23.46 18.66
N PHE A 276 16.93 23.76 17.39
CA PHE A 276 17.88 24.36 16.46
C PHE A 276 18.04 25.84 16.79
N PRO A 277 19.14 26.50 16.35
CA PRO A 277 19.30 27.95 16.55
C PRO A 277 18.10 28.78 16.08
N SER A 278 17.37 28.26 15.09
CA SER A 278 16.24 28.97 14.50
C SER A 278 15.01 28.97 15.41
N GLY A 279 14.93 27.99 16.32
CA GLY A 279 13.75 27.83 17.16
C GLY A 279 12.92 26.61 16.78
N ASN A 280 13.22 26.02 15.62
CA ASN A 280 12.60 24.80 15.14
C ASN A 280 13.25 23.60 15.84
N TYR A 281 12.68 22.40 15.65
CA TYR A 281 13.16 21.17 16.26
C TYR A 281 13.43 20.12 15.19
N PRO A 282 14.42 19.22 15.41
CA PRO A 282 14.71 18.15 14.44
C PRO A 282 13.62 17.07 14.49
N PRO A 283 13.39 16.32 13.38
CA PRO A 283 12.42 15.23 13.38
C PRO A 283 12.82 14.05 14.26
N CYS A 284 14.13 13.76 14.33
CA CYS A 284 14.68 12.70 15.16
C CYS A 284 15.92 13.23 15.86
N ILE A 285 16.28 12.60 16.99
CA ILE A 285 17.51 12.95 17.69
C ILE A 285 18.69 12.72 16.73
N GLY A 286 19.50 13.77 16.55
CA GLY A 286 20.74 13.65 15.81
C GLY A 286 20.63 14.12 14.37
N ASP A 287 19.42 14.50 13.96
CA ASP A 287 19.16 14.99 12.61
C ASP A 287 19.60 16.46 12.52
N ASN A 288 20.40 16.78 11.50
CA ASN A 288 21.06 18.07 11.41
C ASN A 288 20.29 19.04 10.52
N ARG A 289 19.34 18.52 9.72
CA ARG A 289 18.67 19.31 8.71
C ARG A 289 17.46 20.03 9.32
N ASP A 290 17.51 21.37 9.34
CA ASP A 290 16.42 22.21 9.81
C ASP A 290 15.52 22.57 8.63
N LEU A 291 14.47 21.76 8.42
CA LEU A 291 13.75 21.77 7.15
C LEU A 291 12.23 21.82 7.35
N LEU A 292 11.71 20.96 8.23
CA LEU A 292 10.27 20.72 8.28
C LEU A 292 9.63 21.58 9.38
N VAL A 293 8.63 22.37 8.98
CA VAL A 293 7.83 23.17 9.89
C VAL A 293 6.40 22.62 9.82
N HIS A 294 6.18 21.47 10.48
CA HIS A 294 4.93 20.71 10.41
C HIS A 294 4.42 20.40 11.81
N TRP A 295 3.13 20.06 11.91
CA TRP A 295 2.65 19.45 13.13
C TRP A 295 3.37 18.12 13.39
N CYS A 296 3.55 17.29 12.35
CA CYS A 296 4.12 15.96 12.57
C CYS A 296 5.60 16.02 12.97
N HIS A 297 6.34 16.99 12.41
CA HIS A 297 7.77 17.16 12.66
C HIS A 297 8.09 18.66 12.76
N GLY A 298 8.65 19.09 13.91
CA GLY A 298 9.08 20.46 14.08
C GLY A 298 8.21 21.29 15.03
N ALA A 299 8.38 22.61 14.96
CA ALA A 299 7.86 23.58 15.92
C ALA A 299 6.34 23.53 16.06
N PRO A 300 5.55 23.43 14.96
CA PRO A 300 4.09 23.36 15.08
C PRO A 300 3.51 22.21 15.91
N GLY A 301 4.30 21.17 16.15
CA GLY A 301 3.89 20.06 17.01
C GLY A 301 4.55 20.11 18.39
N VAL A 302 5.79 20.60 18.43
CA VAL A 302 6.55 20.66 19.68
C VAL A 302 5.96 21.72 20.61
N ILE A 303 5.30 22.74 20.04
CA ILE A 303 4.78 23.85 20.83
C ILE A 303 3.79 23.39 21.90
N TYR A 304 3.04 22.30 21.65
CA TYR A 304 2.04 21.82 22.59
C TYR A 304 2.70 21.38 23.90
N MET A 305 3.83 20.67 23.77
CA MET A 305 4.61 20.22 24.91
C MET A 305 5.08 21.44 25.71
N LEU A 306 5.54 22.48 25.00
CA LEU A 306 6.08 23.66 25.64
C LEU A 306 5.01 24.39 26.45
N ILE A 307 3.82 24.55 25.86
CA ILE A 307 2.73 25.28 26.48
C ILE A 307 2.23 24.52 27.70
N GLN A 308 2.08 23.20 27.57
CA GLN A 308 1.63 22.37 28.68
C GLN A 308 2.67 22.37 29.80
N ALA A 309 3.96 22.30 29.44
CA ALA A 309 5.04 22.39 30.42
C ALA A 309 4.95 23.70 31.19
N TYR A 310 4.68 24.81 30.48
CA TYR A 310 4.49 26.10 31.12
C TYR A 310 3.32 26.06 32.10
N LYS A 311 2.17 25.53 31.68
CA LYS A 311 0.98 25.45 32.52
C LYS A 311 1.24 24.65 33.79
N VAL A 312 2.02 23.57 33.68
CA VAL A 312 2.21 22.64 34.79
C VAL A 312 3.38 23.08 35.70
N PHE A 313 4.45 23.62 35.12
CA PHE A 313 5.67 23.86 35.88
C PHE A 313 5.90 25.35 36.15
N ARG A 314 5.29 26.21 35.32
CA ARG A 314 5.34 27.67 35.47
C ARG A 314 6.77 28.20 35.35
N GLU A 315 7.61 27.55 34.53
CA GLU A 315 8.96 28.05 34.33
C GLU A 315 9.01 28.83 33.01
N GLU A 316 9.55 30.06 33.09
CA GLU A 316 9.49 31.05 32.03
C GLU A 316 10.12 30.50 30.74
N LYS A 317 11.15 29.65 30.88
CA LYS A 317 11.90 29.15 29.74
C LYS A 317 10.97 28.45 28.74
N TYR A 318 9.93 27.77 29.25
CA TYR A 318 8.99 27.06 28.40
C TYR A 318 8.18 28.03 27.57
N LEU A 319 7.76 29.14 28.19
CA LEU A 319 6.99 30.17 27.51
C LEU A 319 7.85 30.88 26.46
N CYS A 320 9.10 31.20 26.80
CA CYS A 320 10.04 31.82 25.87
CA CYS A 320 9.97 31.85 25.84
C CYS A 320 10.16 30.96 24.61
N ASP A 321 10.33 29.65 24.83
CA ASP A 321 10.49 28.70 23.73
C ASP A 321 9.25 28.66 22.84
N ALA A 322 8.06 28.73 23.47
CA ALA A 322 6.81 28.74 22.74
C ALA A 322 6.72 29.97 21.82
N TYR A 323 7.14 31.14 22.32
CA TYR A 323 7.16 32.36 21.52
C TYR A 323 8.05 32.18 20.28
N GLN A 324 9.19 31.50 20.47
CA GLN A 324 10.11 31.21 19.40
C GLN A 324 9.45 30.33 18.34
N CYS A 325 8.70 29.31 18.78
CA CYS A 325 7.96 28.44 17.87
C CYS A 325 7.04 29.30 17.00
N ALA A 326 6.24 30.15 17.65
CA ALA A 326 5.24 30.96 16.96
C ALA A 326 5.91 31.84 15.91
N ASP A 327 7.13 32.34 16.22
CA ASP A 327 7.84 33.23 15.32
C ASP A 327 8.37 32.48 14.11
N VAL A 328 8.89 31.25 14.35
CA VAL A 328 9.36 30.39 13.27
C VAL A 328 8.19 30.10 12.33
N ILE A 329 7.01 29.84 12.92
CA ILE A 329 5.84 29.44 12.15
C ILE A 329 5.27 30.63 11.38
N TRP A 330 5.33 31.82 11.97
CA TRP A 330 4.87 33.02 11.30
C TRP A 330 5.72 33.28 10.06
N GLN A 331 7.01 32.96 10.14
CA GLN A 331 7.93 33.22 9.04
C GLN A 331 7.85 32.11 8.00
N TYR A 332 7.82 30.85 8.43
CA TYR A 332 8.03 29.74 7.50
C TYR A 332 6.87 28.74 7.52
N GLY A 333 5.69 29.17 7.97
CA GLY A 333 4.58 28.27 8.27
C GLY A 333 3.58 28.11 7.14
N LEU A 334 3.58 29.04 6.17
CA LEU A 334 2.74 28.91 4.99
C LEU A 334 3.44 27.96 4.01
N LEU A 335 3.01 26.69 4.00
CA LEU A 335 3.76 25.62 3.35
C LEU A 335 3.33 25.46 1.90
N LYS A 336 4.31 25.17 1.04
CA LYS A 336 4.08 24.78 -0.35
C LYS A 336 3.43 23.39 -0.38
N LYS A 337 3.55 22.67 0.73
CA LYS A 337 2.99 21.34 0.87
C LYS A 337 1.47 21.37 0.79
N GLY A 338 0.86 22.46 1.26
CA GLY A 338 -0.60 22.60 1.18
C GLY A 338 -1.21 23.23 2.43
N TYR A 339 -2.51 22.94 2.66
CA TYR A 339 -3.31 23.63 3.66
C TYR A 339 -3.80 22.68 4.76
N GLY A 340 -3.24 21.47 4.80
CA GLY A 340 -3.74 20.41 5.68
C GLY A 340 -3.31 20.60 7.12
N LEU A 341 -3.68 19.64 7.99
CA LEU A 341 -3.38 19.72 9.41
C LEU A 341 -2.02 19.10 9.76
N CYS A 342 -1.78 17.87 9.29
CA CYS A 342 -0.57 17.11 9.65
C CYS A 342 0.69 17.86 9.24
N HIS A 343 0.68 18.43 8.02
CA HIS A 343 1.81 19.19 7.52
C HIS A 343 1.30 20.22 6.51
N GLY A 344 0.73 21.33 7.04
CA GLY A 344 0.07 22.33 6.20
C GLY A 344 -0.27 23.58 6.98
N SER A 345 -0.80 24.59 6.28
CA SER A 345 -0.99 25.92 6.84
C SER A 345 -2.07 25.93 7.93
N ALA A 346 -3.13 25.13 7.78
CA ALA A 346 -4.18 25.11 8.80
C ALA A 346 -3.65 24.50 10.11
N GLY A 347 -2.94 23.37 10.00
CA GLY A 347 -2.35 22.74 11.18
C GLY A 347 -1.36 23.67 11.88
N ASN A 348 -0.59 24.41 11.07
CA ASN A 348 0.35 25.38 11.60
C ASN A 348 -0.39 26.51 12.31
N ALA A 349 -1.53 26.95 11.76
CA ALA A 349 -2.28 28.05 12.35
C ALA A 349 -2.76 27.71 13.76
N TYR A 350 -2.97 26.41 14.03
CA TYR A 350 -3.44 25.99 15.34
C TYR A 350 -2.40 26.30 16.42
N ALA A 351 -1.12 26.34 16.03
CA ALA A 351 -0.06 26.70 16.96
C ALA A 351 -0.30 28.10 17.52
N PHE A 352 -0.86 29.00 16.72
CA PHE A 352 -1.11 30.37 17.17
C PHE A 352 -2.27 30.41 18.16
N LEU A 353 -3.31 29.60 17.89
CA LEU A 353 -4.48 29.56 18.74
C LEU A 353 -4.13 29.01 20.13
N THR A 354 -3.25 27.98 20.19
CA THR A 354 -2.89 27.40 21.47
CA THR A 354 -2.87 27.40 21.46
C THR A 354 -2.13 28.45 22.30
N LEU A 355 -1.25 29.22 21.64
CA LEU A 355 -0.50 30.25 22.35
C LEU A 355 -1.44 31.41 22.75
N TYR A 356 -2.38 31.75 21.88
CA TYR A 356 -3.40 32.74 22.20
C TYR A 356 -4.15 32.31 23.46
N ASN A 357 -4.59 31.04 23.49
CA ASN A 357 -5.44 30.56 24.57
C ASN A 357 -4.68 30.48 25.90
N LEU A 358 -3.35 30.39 25.85
CA LEU A 358 -2.55 30.45 27.07
C LEU A 358 -2.41 31.91 27.54
N THR A 359 -1.99 32.79 26.64
CA THR A 359 -1.46 34.10 27.03
C THR A 359 -2.57 35.17 27.06
N GLN A 360 -3.61 34.98 26.24
CA GLN A 360 -4.64 35.98 25.98
C GLN A 360 -4.08 37.14 25.13
N ASP A 361 -2.94 36.91 24.47
CA ASP A 361 -2.30 37.91 23.63
C ASP A 361 -2.89 37.87 22.21
N MET A 362 -3.64 38.93 21.88
CA MET A 362 -4.40 39.06 20.65
C MET A 362 -3.50 38.96 19.41
N LYS A 363 -2.19 39.19 19.58
CA LYS A 363 -1.24 39.07 18.48
C LYS A 363 -1.35 37.67 17.85
N TYR A 364 -1.57 36.65 18.68
CA TYR A 364 -1.57 35.28 18.19
C TYR A 364 -2.91 34.93 17.57
N LEU A 365 -4.01 35.51 18.10
CA LEU A 365 -5.30 35.36 17.44
C LEU A 365 -5.22 35.97 16.04
N TYR A 366 -4.61 37.16 15.95
CA TYR A 366 -4.38 37.83 14.68
C TYR A 366 -3.62 36.93 13.70
N ARG A 367 -2.51 36.31 14.14
CA ARG A 367 -1.72 35.48 13.24
C ARG A 367 -2.56 34.32 12.69
N ALA A 368 -3.40 33.73 13.56
CA ALA A 368 -4.32 32.68 13.15
C ALA A 368 -5.30 33.17 12.09
N CYS A 369 -5.82 34.40 12.26
CA CYS A 369 -6.79 34.95 11.32
C CYS A 369 -6.15 35.15 9.94
N LYS A 370 -4.86 35.54 9.92
CA LYS A 370 -4.15 35.77 8.67
C LYS A 370 -3.85 34.46 7.96
N PHE A 371 -3.52 33.42 8.73
CA PHE A 371 -3.35 32.08 8.17
C PHE A 371 -4.66 31.58 7.57
N ALA A 372 -5.79 31.95 8.20
CA ALA A 372 -7.11 31.61 7.68
C ALA A 372 -7.39 32.38 6.39
N GLU A 373 -6.94 33.64 6.35
CA GLU A 373 -7.09 34.47 5.16
C GLU A 373 -6.43 33.76 3.98
N TRP A 374 -5.25 33.18 4.21
CA TRP A 374 -4.52 32.40 3.23
C TRP A 374 -5.33 31.19 2.78
N CYS A 375 -5.94 30.47 3.74
CA CYS A 375 -6.71 29.28 3.42
C CYS A 375 -7.97 29.63 2.62
N LEU A 376 -8.42 30.89 2.75
CA LEU A 376 -9.63 31.33 2.05
C LEU A 376 -9.36 31.47 0.55
N GLU A 377 -8.08 31.46 0.16
CA GLU A 377 -7.72 31.42 -1.25
C GLU A 377 -7.19 30.03 -1.59
N TYR A 378 -7.84 29.01 -1.01
CA TYR A 378 -7.50 27.61 -1.21
C TYR A 378 -7.35 27.31 -2.70
N GLY A 379 -6.19 26.77 -3.08
CA GLY A 379 -5.98 26.24 -4.41
C GLY A 379 -5.44 27.28 -5.40
N GLU A 380 -5.09 28.46 -4.90
CA GLU A 380 -4.68 29.58 -5.75
C GLU A 380 -3.19 29.88 -5.60
N HIS A 381 -2.42 28.97 -5.00
CA HIS A 381 -1.04 29.25 -4.65
C HIS A 381 -0.07 28.31 -5.36
N GLY A 382 -0.60 27.28 -6.03
CA GLY A 382 0.23 26.30 -6.71
C GLY A 382 0.73 25.20 -5.76
N CYS A 383 -0.03 24.97 -4.68
CA CYS A 383 0.29 23.92 -3.72
C CYS A 383 0.08 22.56 -4.36
N ARG A 384 0.90 21.58 -3.94
CA ARG A 384 0.77 20.20 -4.37
C ARG A 384 -0.60 19.67 -3.95
N THR A 385 -1.12 18.70 -4.71
CA THR A 385 -2.34 17.99 -4.35
C THR A 385 -1.98 16.88 -3.38
N PRO A 386 -2.62 16.83 -2.18
CA PRO A 386 -2.36 15.75 -1.20
C PRO A 386 -2.73 14.38 -1.74
N ASP A 387 -2.10 13.35 -1.17
CA ASP A 387 -2.34 11.95 -1.52
C ASP A 387 -3.79 11.57 -1.25
N THR A 388 -4.35 12.04 -0.13
CA THR A 388 -5.79 11.99 0.11
C THR A 388 -6.31 13.42 0.17
N PRO A 389 -6.75 13.99 -0.97
CA PRO A 389 -7.06 15.43 -1.06
C PRO A 389 -8.23 15.93 -0.21
N PHE A 390 -9.06 15.02 0.33
CA PHE A 390 -10.27 15.43 1.04
C PHE A 390 -10.26 14.99 2.51
N SER A 391 -9.15 14.39 2.97
CA SER A 391 -9.08 13.76 4.28
C SER A 391 -8.92 14.78 5.41
N LEU A 392 -9.13 14.32 6.66
CA LEU A 392 -8.97 15.15 7.84
C LEU A 392 -7.53 15.61 8.03
N PHE A 393 -6.55 14.69 7.88
CA PHE A 393 -5.18 15.03 8.24
C PHE A 393 -4.32 15.46 7.04
N GLU A 394 -4.65 15.02 5.83
CA GLU A 394 -3.86 15.38 4.66
C GLU A 394 -4.57 16.42 3.80
N GLY A 395 -5.92 16.43 3.84
CA GLY A 395 -6.70 17.16 2.85
C GLY A 395 -7.69 18.18 3.43
N MET A 396 -8.74 18.40 2.64
CA MET A 396 -9.64 19.55 2.72
C MET A 396 -10.48 19.50 4.00
N ALA A 397 -10.85 18.30 4.47
CA ALA A 397 -11.66 18.19 5.68
C ALA A 397 -10.97 18.88 6.87
N GLY A 398 -9.64 18.76 6.94
CA GLY A 398 -8.89 19.36 8.03
C GLY A 398 -8.85 20.89 7.93
N THR A 399 -8.69 21.38 6.71
CA THR A 399 -8.73 22.82 6.46
C THR A 399 -10.11 23.38 6.82
N ILE A 400 -11.19 22.66 6.45
CA ILE A 400 -12.54 23.09 6.77
C ILE A 400 -12.71 23.09 8.30
N TYR A 401 -12.18 22.04 8.96
CA TYR A 401 -12.28 21.90 10.40
C TYR A 401 -11.72 23.16 11.09
N PHE A 402 -10.53 23.59 10.66
CA PHE A 402 -9.84 24.73 11.24
C PHE A 402 -10.66 26.01 11.07
N LEU A 403 -11.18 26.24 9.85
CA LEU A 403 -11.94 27.45 9.56
C LEU A 403 -13.17 27.56 10.47
N ALA A 404 -13.85 26.41 10.71
CA ALA A 404 -15.04 26.39 11.55
C ALA A 404 -14.67 26.58 13.02
N ASP A 405 -13.53 26.01 13.43
CA ASP A 405 -13.06 26.07 14.82
C ASP A 405 -12.69 27.52 15.18
N LEU A 406 -12.18 28.28 14.20
CA LEU A 406 -11.74 29.66 14.40
C LEU A 406 -12.91 30.57 14.76
N LEU A 407 -14.15 30.14 14.45
CA LEU A 407 -15.32 30.98 14.69
C LEU A 407 -15.44 31.31 16.18
N VAL A 408 -15.10 30.35 17.05
CA VAL A 408 -15.06 30.59 18.49
C VAL A 408 -13.67 30.23 19.00
N PRO A 409 -12.70 31.17 18.92
CA PRO A 409 -11.28 30.86 19.09
C PRO A 409 -10.91 30.25 20.45
N THR A 410 -11.64 30.63 21.51
CA THR A 410 -11.28 30.21 22.86
C THR A 410 -11.61 28.73 23.05
N LYS A 411 -12.45 28.16 22.17
CA LYS A 411 -12.82 26.76 22.29
C LYS A 411 -12.06 25.91 21.28
N ALA A 412 -11.28 26.54 20.40
CA ALA A 412 -10.62 25.83 19.31
C ALA A 412 -9.57 24.87 19.87
N ARG A 413 -9.51 23.65 19.28
CA ARG A 413 -8.54 22.63 19.63
C ARG A 413 -8.15 21.85 18.36
N PHE A 414 -6.85 21.64 18.17
CA PHE A 414 -6.34 20.81 17.08
C PHE A 414 -6.99 19.43 17.21
N PRO A 415 -7.78 18.99 16.20
CA PRO A 415 -8.56 17.76 16.33
C PRO A 415 -7.71 16.49 16.36
N ALA A 416 -8.25 15.47 17.02
CA ALA A 416 -7.63 14.16 17.14
C ALA A 416 -6.29 14.26 17.86
N PHE A 417 -6.12 15.27 18.72
CA PHE A 417 -4.83 15.43 19.37
C PHE A 417 -4.92 16.29 20.63
N GLU A 418 -5.32 17.56 20.48
CA GLU A 418 -5.21 18.52 21.56
C GLU A 418 -6.29 18.24 22.61
N LEU A 419 -5.93 18.34 23.88
CA LEU A 419 -6.89 18.15 24.95
C LEU A 419 -7.27 19.51 25.55
N HIS B 20 -15.38 -26.56 -3.59
CA HIS B 20 -16.15 -26.16 -4.81
C HIS B 20 -15.27 -26.30 -6.04
N MET B 21 -14.00 -26.70 -5.83
CA MET B 21 -13.03 -26.91 -6.89
C MET B 21 -13.55 -27.95 -7.87
N ALA B 22 -14.19 -29.00 -7.34
CA ALA B 22 -14.62 -30.16 -8.12
C ALA B 22 -15.62 -29.75 -9.19
N GLN B 23 -16.43 -28.72 -8.89
CA GLN B 23 -17.45 -28.25 -9.80
C GLN B 23 -16.83 -27.67 -11.07
N ARG B 24 -15.56 -27.22 -10.96
CA ARG B 24 -14.91 -26.48 -12.02
C ARG B 24 -14.01 -27.38 -12.85
N ALA B 25 -13.84 -28.64 -12.43
CA ALA B 25 -12.86 -29.53 -13.03
C ALA B 25 -13.55 -30.75 -13.64
N PHE B 26 -12.96 -31.29 -14.69
CA PHE B 26 -13.30 -32.64 -15.15
C PHE B 26 -12.64 -33.64 -14.21
N PRO B 27 -13.30 -34.76 -13.84
CA PRO B 27 -12.62 -35.82 -13.11
C PRO B 27 -11.39 -36.24 -13.92
N ASN B 28 -10.24 -36.37 -13.25
CA ASN B 28 -9.01 -36.74 -13.93
C ASN B 28 -9.10 -38.22 -14.30
N PRO B 29 -9.12 -38.58 -15.62
CA PRO B 29 -9.32 -39.98 -16.02
C PRO B 29 -8.06 -40.84 -15.96
N TYR B 30 -6.93 -40.25 -15.52
CA TYR B 30 -5.63 -40.90 -15.65
C TYR B 30 -5.16 -41.44 -14.31
N ALA B 31 -4.45 -42.56 -14.37
CA ALA B 31 -3.74 -43.09 -13.21
C ALA B 31 -2.51 -42.23 -12.94
N ASP B 32 -2.06 -42.19 -11.68
CA ASP B 32 -0.85 -41.47 -11.32
C ASP B 32 0.36 -42.27 -11.80
N TYR B 33 1.54 -41.66 -11.61
CA TYR B 33 2.80 -42.12 -12.16
C TYR B 33 3.09 -43.56 -11.77
N ASN B 34 3.51 -44.34 -12.76
CA ASN B 34 4.18 -45.61 -12.59
C ASN B 34 5.18 -45.72 -13.74
N LYS B 35 6.35 -46.32 -13.49
CA LYS B 35 7.39 -46.49 -14.49
C LYS B 35 6.82 -47.07 -15.79
N SER B 36 5.93 -48.06 -15.66
CA SER B 36 5.35 -48.77 -16.81
CA SER B 36 5.39 -48.75 -16.83
C SER B 36 4.47 -47.83 -17.63
N LEU B 37 3.73 -46.95 -16.93
CA LEU B 37 2.83 -46.02 -17.58
C LEU B 37 3.60 -44.88 -18.25
N ALA B 38 4.85 -44.65 -17.82
CA ALA B 38 5.65 -43.53 -18.28
C ALA B 38 6.47 -43.87 -19.53
N GLU B 39 6.75 -45.17 -19.73
CA GLU B 39 7.67 -45.68 -20.75
C GLU B 39 7.26 -45.24 -22.17
N GLY B 40 5.94 -45.18 -22.42
CA GLY B 40 5.42 -44.74 -23.71
C GLY B 40 5.66 -43.26 -23.99
N TYR B 41 5.86 -42.46 -22.92
CA TYR B 41 6.01 -41.02 -23.06
C TYR B 41 7.48 -40.58 -23.09
N PHE B 42 8.31 -41.19 -22.24
CA PHE B 42 9.71 -40.77 -22.13
C PHE B 42 10.54 -41.92 -21.56
N ASP B 43 11.86 -41.83 -21.78
CA ASP B 43 12.81 -42.84 -21.31
C ASP B 43 13.26 -42.51 -19.91
N ALA B 44 14.20 -43.32 -19.38
CA ALA B 44 14.60 -43.25 -17.98
C ALA B 44 15.24 -41.89 -17.67
N ALA B 45 15.73 -41.19 -18.71
CA ALA B 45 16.39 -39.91 -18.52
C ALA B 45 15.41 -38.75 -18.66
N GLY B 46 14.16 -39.02 -19.05
CA GLY B 46 13.15 -37.98 -19.20
C GLY B 46 13.10 -37.40 -20.61
N ARG B 47 13.73 -38.09 -21.57
CA ARG B 47 13.71 -37.72 -22.97
C ARG B 47 12.49 -38.35 -23.62
N LEU B 48 11.67 -37.53 -24.28
CA LEU B 48 10.43 -38.02 -24.89
C LEU B 48 10.75 -39.11 -25.91
N THR B 49 9.82 -40.07 -26.05
CA THR B 49 9.91 -41.07 -27.09
C THR B 49 9.66 -40.40 -28.43
N PRO B 50 10.26 -40.91 -29.54
CA PRO B 50 9.98 -40.37 -30.88
C PRO B 50 8.49 -40.43 -31.20
N GLU B 51 7.82 -41.50 -30.74
CA GLU B 51 6.42 -41.72 -31.03
C GLU B 51 5.57 -40.62 -30.37
N PHE B 52 5.80 -40.36 -29.08
CA PHE B 52 4.99 -39.38 -28.38
C PHE B 52 5.31 -37.97 -28.91
N SER B 53 6.59 -37.73 -29.22
CA SER B 53 7.01 -36.47 -29.84
C SER B 53 6.25 -36.22 -31.13
N GLN B 54 6.05 -37.29 -31.92
CA GLN B 54 5.40 -37.13 -33.21
C GLN B 54 3.93 -36.78 -33.04
N ARG B 55 3.28 -37.34 -32.01
CA ARG B 55 1.88 -37.04 -31.75
C ARG B 55 1.71 -35.58 -31.33
N LEU B 56 2.63 -35.09 -30.49
CA LEU B 56 2.65 -33.68 -30.10
C LEU B 56 2.79 -32.80 -31.34
N THR B 57 3.74 -33.16 -32.22
CA THR B 57 4.09 -32.35 -33.37
C THR B 57 2.93 -32.34 -34.37
N ASN B 58 2.30 -33.51 -34.56
CA ASN B 58 1.14 -33.61 -35.44
C ASN B 58 0.03 -32.67 -34.95
N LYS B 59 -0.15 -32.59 -33.62
CA LYS B 59 -1.23 -31.77 -33.08
C LYS B 59 -0.90 -30.29 -33.23
N ILE B 60 0.38 -29.93 -33.05
CA ILE B 60 0.87 -28.57 -33.22
C ILE B 60 0.56 -28.10 -34.63
N ARG B 61 0.89 -28.94 -35.64
CA ARG B 61 0.64 -28.63 -37.05
C ARG B 61 -0.85 -28.37 -37.29
N GLU B 62 -1.72 -29.20 -36.72
CA GLU B 62 -3.16 -29.08 -36.95
C GLU B 62 -3.67 -27.79 -36.32
N LEU B 63 -3.27 -27.54 -35.06
CA LEU B 63 -3.81 -26.43 -34.31
C LEU B 63 -3.31 -25.09 -34.88
N LEU B 64 -2.07 -25.08 -35.38
CA LEU B 64 -1.52 -23.87 -36.00
C LEU B 64 -2.38 -23.44 -37.20
N GLN B 65 -2.88 -24.41 -37.99
CA GLN B 65 -3.76 -24.13 -39.12
CA GLN B 65 -3.72 -24.06 -39.12
C GLN B 65 -5.03 -23.45 -38.62
N GLN B 66 -5.60 -24.00 -37.55
CA GLN B 66 -6.83 -23.44 -36.99
C GLN B 66 -6.55 -22.05 -36.44
N MET B 67 -5.39 -21.89 -35.79
CA MET B 67 -5.03 -20.61 -35.18
C MET B 67 -4.89 -19.53 -36.26
N GLU B 68 -4.17 -19.84 -37.34
CA GLU B 68 -3.94 -18.88 -38.41
C GLU B 68 -5.27 -18.41 -39.01
N ARG B 69 -6.22 -19.34 -39.18
CA ARG B 69 -7.53 -19.00 -39.70
C ARG B 69 -8.30 -18.14 -38.71
N GLY B 70 -8.25 -18.52 -37.42
CA GLY B 70 -9.00 -17.84 -36.39
C GLY B 70 -8.57 -16.38 -36.19
N LEU B 71 -7.25 -16.13 -36.33
CA LEU B 71 -6.67 -14.83 -36.05
C LEU B 71 -7.09 -13.79 -37.10
N LYS B 72 -7.61 -14.27 -38.24
CA LYS B 72 -8.16 -13.38 -39.26
C LYS B 72 -9.33 -12.57 -38.70
N SER B 73 -10.00 -13.08 -37.65
CA SER B 73 -11.16 -12.41 -37.08
C SER B 73 -10.81 -11.63 -35.81
N ALA B 74 -9.53 -11.63 -35.44
CA ALA B 74 -9.10 -10.99 -34.20
C ALA B 74 -9.12 -9.46 -34.33
N ASP B 75 -9.31 -8.78 -33.20
CA ASP B 75 -9.33 -7.33 -33.13
C ASP B 75 -8.01 -6.77 -33.67
N PRO B 76 -8.04 -5.94 -34.73
CA PRO B 76 -6.81 -5.38 -35.30
C PRO B 76 -6.01 -4.49 -34.34
N ARG B 77 -6.70 -3.93 -33.33
CA ARG B 77 -6.15 -2.89 -32.48
C ARG B 77 -5.26 -3.47 -31.36
N ASP B 78 -5.52 -4.72 -30.96
CA ASP B 78 -4.89 -5.29 -29.77
C ASP B 78 -3.58 -5.99 -30.14
N GLY B 79 -2.45 -5.31 -29.87
CA GLY B 79 -1.14 -5.86 -30.17
C GLY B 79 -0.43 -6.47 -28.95
N THR B 80 -1.14 -6.62 -27.82
CA THR B 80 -0.55 -7.03 -26.55
C THR B 80 -0.14 -8.51 -26.53
N GLY B 81 0.72 -8.87 -25.58
CA GLY B 81 1.16 -10.24 -25.37
C GLY B 81 0.02 -11.14 -24.87
N TYR B 82 -0.78 -10.59 -23.94
CA TYR B 82 -1.82 -11.35 -23.26
C TYR B 82 -2.90 -11.81 -24.24
N THR B 83 -3.42 -10.88 -25.05
CA THR B 83 -4.58 -11.17 -25.89
C THR B 83 -4.34 -10.87 -27.38
N GLY B 84 -3.22 -10.24 -27.72
CA GLY B 84 -3.07 -9.71 -29.06
C GLY B 84 -1.83 -10.22 -29.82
N TRP B 85 -1.36 -9.37 -30.74
CA TRP B 85 -0.43 -9.74 -31.80
C TRP B 85 0.95 -10.10 -31.26
N ALA B 86 1.41 -9.35 -30.24
CA ALA B 86 2.73 -9.61 -29.68
C ALA B 86 2.81 -11.03 -29.11
N GLY B 87 1.71 -11.51 -28.53
CA GLY B 87 1.64 -12.87 -28.00
C GLY B 87 1.81 -13.94 -29.09
N ILE B 88 1.27 -13.66 -30.28
CA ILE B 88 1.38 -14.59 -31.38
C ILE B 88 2.83 -14.62 -31.86
N ALA B 89 3.47 -13.45 -31.88
CA ALA B 89 4.89 -13.34 -32.20
C ALA B 89 5.75 -14.14 -31.22
N VAL B 90 5.46 -14.01 -29.92
CA VAL B 90 6.10 -14.83 -28.89
C VAL B 90 6.01 -16.31 -29.26
N LEU B 91 4.83 -16.76 -29.68
CA LEU B 91 4.64 -18.17 -30.02
C LEU B 91 5.55 -18.54 -31.20
N TYR B 92 5.54 -17.72 -32.25
CA TYR B 92 6.30 -18.07 -33.46
C TYR B 92 7.81 -18.03 -33.22
N LEU B 93 8.30 -17.09 -32.41
CA LEU B 93 9.71 -17.07 -32.07
C LEU B 93 10.10 -18.39 -31.40
N HIS B 94 9.22 -18.86 -30.49
CA HIS B 94 9.42 -20.08 -29.75
C HIS B 94 9.44 -21.29 -30.70
N LEU B 95 8.43 -21.37 -31.56
CA LEU B 95 8.31 -22.45 -32.53
C LEU B 95 9.53 -22.47 -33.45
N TYR B 96 10.00 -21.26 -33.82
CA TYR B 96 11.17 -21.16 -34.68
C TYR B 96 12.38 -21.76 -33.98
N ASP B 97 12.51 -21.50 -32.67
CA ASP B 97 13.64 -22.01 -31.91
CA ASP B 97 13.61 -22.01 -31.86
C ASP B 97 13.52 -23.54 -31.76
N VAL B 98 12.29 -24.04 -31.62
CA VAL B 98 12.06 -25.47 -31.41
C VAL B 98 12.31 -26.24 -32.71
N PHE B 99 11.74 -25.78 -33.81
CA PHE B 99 11.66 -26.54 -35.05
C PHE B 99 12.61 -26.03 -36.14
N GLY B 100 12.94 -24.73 -36.15
CA GLY B 100 13.83 -24.18 -37.17
C GLY B 100 13.17 -23.98 -38.53
N ASP B 101 11.83 -24.04 -38.56
CA ASP B 101 11.05 -23.84 -39.77
C ASP B 101 11.11 -22.36 -40.16
N PRO B 102 11.63 -22.00 -41.35
CA PRO B 102 11.85 -20.60 -41.71
C PRO B 102 10.55 -19.80 -41.81
N ALA B 103 9.46 -20.50 -42.11
CA ALA B 103 8.14 -19.87 -42.18
C ALA B 103 7.75 -19.27 -40.83
N TYR B 104 8.21 -19.88 -39.73
CA TYR B 104 7.85 -19.43 -38.40
C TYR B 104 8.48 -18.09 -38.10
N LEU B 105 9.72 -17.88 -38.57
CA LEU B 105 10.42 -16.62 -38.39
C LEU B 105 9.74 -15.52 -39.20
N GLN B 106 9.29 -15.86 -40.42
CA GLN B 106 8.60 -14.92 -41.28
C GLN B 106 7.30 -14.47 -40.63
N LEU B 107 6.55 -15.44 -40.09
CA LEU B 107 5.27 -15.19 -39.43
CA LEU B 107 5.27 -15.18 -39.43
C LEU B 107 5.50 -14.29 -38.22
N ALA B 108 6.54 -14.61 -37.43
CA ALA B 108 6.85 -13.81 -36.26
C ALA B 108 7.06 -12.35 -36.67
N HIS B 109 7.75 -12.13 -37.80
CA HIS B 109 8.03 -10.81 -38.32
C HIS B 109 6.73 -10.06 -38.59
N GLY B 110 5.81 -10.70 -39.32
CA GLY B 110 4.51 -10.12 -39.64
C GLY B 110 3.75 -9.68 -38.39
N TYR B 111 3.69 -10.58 -37.39
CA TYR B 111 2.97 -10.29 -36.16
C TYR B 111 3.65 -9.16 -35.38
N VAL B 112 4.99 -9.11 -35.42
CA VAL B 112 5.73 -8.04 -34.78
C VAL B 112 5.34 -6.69 -35.41
N LYS B 113 5.31 -6.65 -36.75
CA LYS B 113 4.98 -5.43 -37.48
C LYS B 113 3.60 -4.93 -37.07
N GLN B 114 2.62 -5.83 -37.06
CA GLN B 114 1.27 -5.50 -36.63
C GLN B 114 1.29 -4.89 -35.23
N SER B 115 2.02 -5.55 -34.30
CA SER B 115 2.00 -5.13 -32.90
C SER B 115 2.62 -3.74 -32.72
N LEU B 116 3.63 -3.41 -33.54
CA LEU B 116 4.29 -2.12 -33.41
C LEU B 116 3.39 -0.98 -33.90
N ASN B 117 2.31 -1.33 -34.61
CA ASN B 117 1.33 -0.34 -35.03
C ASN B 117 0.17 -0.22 -34.05
N CYS B 118 0.28 -0.88 -32.88
CA CYS B 118 -0.80 -0.95 -31.92
C CYS B 118 -0.40 -0.32 -30.58
N LEU B 119 0.73 0.41 -30.56
CA LEU B 119 1.18 1.03 -29.32
C LEU B 119 0.12 2.04 -28.86
N THR B 120 -0.12 2.10 -27.54
CA THR B 120 -1.18 2.94 -27.00
C THR B 120 -0.63 3.92 -25.96
N LYS B 121 0.55 3.64 -25.40
CA LYS B 121 1.20 4.47 -24.40
C LYS B 121 0.44 4.46 -23.08
N ARG B 122 -0.37 3.42 -22.83
CA ARG B 122 -1.21 3.38 -21.63
C ARG B 122 -0.63 2.46 -20.55
N SER B 123 0.23 1.50 -20.93
CA SER B 123 0.73 0.53 -19.98
C SER B 123 2.17 0.13 -20.32
N ILE B 124 2.90 -0.35 -19.30
CA ILE B 124 4.35 -0.53 -19.39
C ILE B 124 4.74 -2.02 -19.48
N THR B 125 3.77 -2.94 -19.44
CA THR B 125 4.10 -4.34 -19.20
C THR B 125 4.28 -5.13 -20.50
N PHE B 126 4.94 -6.28 -20.36
CA PHE B 126 5.10 -7.25 -21.45
C PHE B 126 3.73 -7.79 -21.87
N LEU B 127 2.85 -8.08 -20.91
CA LEU B 127 1.60 -8.76 -21.22
C LEU B 127 0.53 -7.77 -21.73
N CYS B 128 0.46 -6.55 -21.18
CA CYS B 128 -0.71 -5.73 -21.49
C CYS B 128 -0.32 -4.33 -21.95
N GLY B 129 0.99 -4.07 -22.13
CA GLY B 129 1.45 -2.73 -22.45
C GLY B 129 2.37 -2.69 -23.66
N ASP B 130 3.00 -1.54 -23.88
CA ASP B 130 3.81 -1.31 -25.06
C ASP B 130 5.13 -2.07 -24.99
N ALA B 131 5.50 -2.56 -23.79
CA ALA B 131 6.76 -3.25 -23.58
C ALA B 131 6.78 -4.59 -24.29
N GLY B 132 5.61 -5.24 -24.41
CA GLY B 132 5.47 -6.49 -25.14
C GLY B 132 5.91 -6.35 -26.60
N PRO B 133 5.19 -5.54 -27.42
CA PRO B 133 5.63 -5.23 -28.79
C PRO B 133 7.10 -4.85 -28.92
N LEU B 134 7.60 -3.97 -28.05
CA LEU B 134 8.97 -3.47 -28.18
C LEU B 134 10.00 -4.54 -27.87
N ALA B 135 9.80 -5.31 -26.79
CA ALA B 135 10.77 -6.32 -26.42
C ALA B 135 10.79 -7.46 -27.44
N VAL B 136 9.61 -7.91 -27.86
CA VAL B 136 9.53 -8.99 -28.84
C VAL B 136 10.13 -8.53 -30.16
N ALA B 137 9.88 -7.26 -30.56
CA ALA B 137 10.42 -6.72 -31.79
C ALA B 137 11.95 -6.70 -31.74
N ALA B 138 12.52 -6.24 -30.62
CA ALA B 138 13.97 -6.20 -30.44
C ALA B 138 14.59 -7.57 -30.70
N VAL B 139 13.96 -8.61 -30.14
CA VAL B 139 14.50 -9.96 -30.23
C VAL B 139 14.36 -10.48 -31.66
N LEU B 140 13.21 -10.22 -32.30
CA LEU B 140 13.00 -10.66 -33.67
C LEU B 140 14.02 -10.02 -34.61
N TYR B 141 14.20 -8.71 -34.50
CA TYR B 141 15.12 -7.99 -35.35
C TYR B 141 16.54 -8.53 -35.17
N HIS B 142 16.90 -8.81 -33.91
CA HIS B 142 18.18 -9.44 -33.61
C HIS B 142 18.34 -10.77 -34.35
N LYS B 143 17.28 -11.60 -34.32
CA LYS B 143 17.29 -12.90 -34.97
C LYS B 143 17.41 -12.74 -36.49
N MET B 144 16.95 -11.59 -37.01
CA MET B 144 16.91 -11.37 -38.44
C MET B 144 18.11 -10.55 -38.92
N ASN B 145 19.13 -10.43 -38.05
CA ASN B 145 20.36 -9.72 -38.35
C ASN B 145 20.05 -8.28 -38.75
N ASN B 146 19.15 -7.63 -38.00
CA ASN B 146 18.79 -6.23 -38.23
C ASN B 146 19.08 -5.44 -36.96
N GLU B 147 20.33 -5.00 -36.80
CA GLU B 147 20.80 -4.44 -35.55
C GLU B 147 20.25 -3.04 -35.31
N LYS B 148 20.05 -2.26 -36.38
CA LYS B 148 19.58 -0.90 -36.25
C LYS B 148 18.18 -0.89 -35.64
N GLN B 149 17.30 -1.76 -36.15
CA GLN B 149 15.92 -1.84 -35.69
C GLN B 149 15.84 -2.46 -34.30
N ALA B 150 16.72 -3.42 -34.03
CA ALA B 150 16.84 -4.01 -32.70
C ALA B 150 17.15 -2.93 -31.67
N GLU B 151 18.22 -2.14 -31.91
CA GLU B 151 18.70 -1.15 -30.94
C GLU B 151 17.65 -0.06 -30.70
N ASP B 152 16.95 0.34 -31.77
CA ASP B 152 15.91 1.35 -31.66
C ASP B 152 14.79 0.86 -30.76
N CYS B 153 14.42 -0.43 -30.90
CA CYS B 153 13.39 -1.02 -30.07
C CYS B 153 13.83 -1.02 -28.61
N ILE B 154 15.10 -1.32 -28.35
CA ILE B 154 15.64 -1.33 -27.00
C ILE B 154 15.59 0.06 -26.38
N THR B 155 15.93 1.09 -27.17
CA THR B 155 15.93 2.46 -26.69
C THR B 155 14.52 2.84 -26.24
N ARG B 156 13.52 2.56 -27.08
CA ARG B 156 12.14 2.87 -26.76
C ARG B 156 11.68 2.08 -25.54
N LEU B 157 12.12 0.82 -25.42
CA LEU B 157 11.75 -0.01 -24.28
C LEU B 157 12.25 0.61 -22.98
N ILE B 158 13.48 1.12 -22.98
CA ILE B 158 14.10 1.72 -21.81
C ILE B 158 13.36 2.98 -21.37
N HIS B 159 12.97 3.84 -22.33
CA HIS B 159 12.34 5.11 -21.99
C HIS B 159 10.88 4.93 -21.53
N LEU B 160 10.39 3.70 -21.56
CA LEU B 160 8.96 3.45 -21.45
C LEU B 160 8.44 3.63 -20.02
N ASN B 161 9.28 3.35 -19.01
CA ASN B 161 8.81 3.32 -17.62
C ASN B 161 8.51 4.72 -17.09
N LYS B 162 8.90 5.74 -17.86
CA LYS B 162 8.63 7.14 -17.52
C LYS B 162 7.16 7.47 -17.71
N ILE B 163 6.44 6.64 -18.48
CA ILE B 163 5.10 6.97 -18.94
C ILE B 163 4.05 6.61 -17.88
N ASP B 164 4.47 5.94 -16.80
CA ASP B 164 3.56 5.55 -15.74
C ASP B 164 4.31 5.41 -14.41
N PRO B 165 4.61 6.51 -13.69
CA PRO B 165 5.38 6.43 -12.44
C PRO B 165 4.57 6.01 -11.21
N HIS B 166 3.23 5.99 -11.35
CA HIS B 166 2.37 5.56 -10.25
C HIS B 166 1.76 4.19 -10.53
N ALA B 167 2.45 3.40 -11.37
CA ALA B 167 2.00 2.06 -11.75
C ALA B 167 1.85 1.17 -10.52
N PRO B 168 1.00 0.12 -10.57
CA PRO B 168 1.01 -0.93 -9.56
C PRO B 168 2.30 -1.76 -9.67
N ASN B 169 2.37 -2.87 -8.94
CA ASN B 169 3.61 -3.61 -8.81
C ASN B 169 3.52 -4.98 -9.49
N GLU B 170 2.31 -5.38 -9.93
CA GLU B 170 2.02 -6.75 -10.33
C GLU B 170 2.33 -6.98 -11.81
N MET B 171 1.88 -8.13 -12.34
CA MET B 171 2.38 -8.73 -13.58
C MET B 171 1.71 -8.12 -14.81
N LEU B 172 0.39 -7.89 -14.76
CA LEU B 172 -0.34 -7.47 -15.96
C LEU B 172 -0.19 -5.98 -16.24
N TYR B 173 -0.10 -5.15 -15.18
CA TYR B 173 -0.13 -3.70 -15.39
C TYR B 173 0.98 -2.98 -14.62
N GLY B 174 1.79 -3.73 -13.86
CA GLY B 174 2.69 -3.13 -12.88
C GLY B 174 4.17 -3.41 -13.14
N ARG B 175 5.00 -3.13 -12.13
CA ARG B 175 6.45 -3.00 -12.31
C ARG B 175 7.12 -4.33 -12.68
N ILE B 176 6.69 -5.44 -12.08
CA ILE B 176 7.30 -6.73 -12.41
C ILE B 176 7.03 -7.11 -13.88
N GLY B 177 5.90 -6.64 -14.42
CA GLY B 177 5.56 -6.90 -15.82
C GLY B 177 6.51 -6.16 -16.76
N TYR B 178 6.97 -5.00 -16.31
CA TYR B 178 7.94 -4.24 -17.09
C TYR B 178 9.32 -4.87 -16.97
N ILE B 179 9.66 -5.30 -15.75
CA ILE B 179 10.91 -6.00 -15.51
C ILE B 179 11.03 -7.23 -16.41
N TYR B 180 9.95 -8.02 -16.51
CA TYR B 180 10.01 -9.20 -17.38
C TYR B 180 10.50 -8.84 -18.77
N ALA B 181 9.99 -7.73 -19.34
CA ALA B 181 10.34 -7.29 -20.68
C ALA B 181 11.85 -7.06 -20.82
N LEU B 182 12.45 -6.41 -19.81
CA LEU B 182 13.88 -6.12 -19.80
C LEU B 182 14.68 -7.42 -19.73
N LEU B 183 14.23 -8.35 -18.86
CA LEU B 183 14.89 -9.63 -18.68
C LEU B 183 14.83 -10.46 -19.96
N PHE B 184 13.71 -10.35 -20.69
CA PHE B 184 13.47 -11.06 -21.95
C PHE B 184 14.50 -10.64 -22.98
N VAL B 185 14.80 -9.34 -23.02
CA VAL B 185 15.82 -8.80 -23.90
C VAL B 185 17.19 -9.35 -23.51
N ASN B 186 17.52 -9.30 -22.21
CA ASN B 186 18.85 -9.71 -21.76
C ASN B 186 19.03 -11.21 -21.93
N LYS B 187 17.92 -11.97 -21.84
CA LYS B 187 17.98 -13.41 -22.02
C LYS B 187 18.42 -13.71 -23.45
N ASN B 188 17.92 -12.91 -24.41
CA ASN B 188 18.09 -13.17 -25.82
C ASN B 188 19.36 -12.53 -26.39
N PHE B 189 19.88 -11.50 -25.71
CA PHE B 189 21.04 -10.75 -26.21
C PHE B 189 22.30 -11.04 -25.38
N GLY B 190 22.15 -11.38 -24.10
CA GLY B 190 23.30 -11.62 -23.23
C GLY B 190 23.35 -10.68 -22.03
N VAL B 191 24.32 -10.92 -21.14
CA VAL B 191 24.38 -10.32 -19.82
C VAL B 191 24.33 -8.79 -19.87
N GLU B 192 23.29 -8.24 -19.22
CA GLU B 192 23.12 -6.81 -18.98
C GLU B 192 23.26 -6.01 -20.27
N LYS B 193 22.64 -6.50 -21.36
CA LYS B 193 22.43 -5.72 -22.58
C LYS B 193 21.64 -4.45 -22.21
N ILE B 194 20.56 -4.62 -21.44
CA ILE B 194 19.96 -3.51 -20.74
C ILE B 194 20.64 -3.42 -19.39
N PRO B 195 21.25 -2.27 -19.03
CA PRO B 195 22.03 -2.17 -17.80
C PRO B 195 21.21 -2.58 -16.58
N GLN B 196 21.88 -3.25 -15.64
CA GLN B 196 21.27 -3.78 -14.43
C GLN B 196 20.72 -2.63 -13.58
N SER B 197 21.34 -1.45 -13.71
CA SER B 197 20.93 -0.28 -12.96
C SER B 197 19.46 0.06 -13.24
N HIS B 198 18.99 -0.23 -14.46
CA HIS B 198 17.59 -0.01 -14.80
C HIS B 198 16.69 -0.93 -13.99
N ILE B 199 17.04 -2.23 -13.94
CA ILE B 199 16.25 -3.20 -13.21
C ILE B 199 16.31 -2.89 -11.72
N GLN B 200 17.50 -2.48 -11.24
CA GLN B 200 17.78 -2.23 -9.84
C GLN B 200 16.87 -1.11 -9.32
N GLN B 201 16.76 -0.03 -10.11
CA GLN B 201 15.97 1.13 -9.74
C GLN B 201 14.50 0.71 -9.53
N ILE B 202 13.97 -0.10 -10.45
CA ILE B 202 12.58 -0.54 -10.37
C ILE B 202 12.40 -1.42 -9.14
N CYS B 203 13.39 -2.28 -8.88
CA CYS B 203 13.35 -3.21 -7.77
CA CYS B 203 13.35 -3.21 -7.77
C CYS B 203 13.27 -2.46 -6.44
N GLU B 204 14.09 -1.40 -6.32
CA GLU B 204 14.10 -0.57 -5.12
C GLU B 204 12.72 0.06 -4.91
N THR B 205 12.08 0.48 -6.02
CA THR B 205 10.77 1.11 -5.97
C THR B 205 9.71 0.12 -5.48
N ILE B 206 9.81 -1.13 -5.93
CA ILE B 206 8.88 -2.17 -5.54
C ILE B 206 9.00 -2.40 -4.03
N LEU B 207 10.25 -2.48 -3.54
CA LEU B 207 10.49 -2.77 -2.13
C LEU B 207 10.00 -1.62 -1.24
N THR B 208 10.26 -0.38 -1.66
CA THR B 208 9.83 0.81 -0.93
C THR B 208 8.30 0.87 -0.84
N SER B 209 7.65 0.69 -1.99
CA SER B 209 6.20 0.65 -2.08
CA SER B 209 6.20 0.66 -2.07
C SER B 209 5.64 -0.38 -1.08
N GLY B 210 6.22 -1.59 -1.10
CA GLY B 210 5.77 -2.68 -0.25
C GLY B 210 5.87 -2.34 1.24
N GLU B 211 7.02 -1.81 1.65
CA GLU B 211 7.24 -1.44 3.04
C GLU B 211 6.27 -0.34 3.48
N ASN B 212 6.10 0.67 2.62
CA ASN B 212 5.28 1.83 2.95
C ASN B 212 3.82 1.43 3.13
N LEU B 213 3.31 0.55 2.25
CA LEU B 213 1.90 0.18 2.34
C LEU B 213 1.68 -0.65 3.60
N ALA B 214 2.62 -1.54 3.91
CA ALA B 214 2.52 -2.42 5.06
C ALA B 214 2.49 -1.58 6.35
N ARG B 215 3.34 -0.54 6.37
CA ARG B 215 3.48 0.34 7.53
C ARG B 215 2.22 1.18 7.71
N LYS B 216 1.70 1.69 6.59
CA LYS B 216 0.51 2.53 6.58
C LYS B 216 -0.69 1.75 7.09
N ARG B 217 -0.81 0.47 6.71
CA ARG B 217 -1.96 -0.33 7.08
C ARG B 217 -1.68 -1.19 8.33
N ASN B 218 -0.50 -1.00 8.92
N ASN B 218 -0.52 -1.02 8.96
CA ASN B 218 0.01 -1.67 10.13
CA ASN B 218 -0.22 -1.77 10.18
C ASN B 218 0.07 -3.19 9.96
C ASN B 218 -0.19 -3.27 9.86
N PHE B 219 0.45 -3.63 8.75
CA PHE B 219 0.66 -5.03 8.41
C PHE B 219 2.00 -5.53 8.96
N THR B 220 2.91 -4.60 9.26
CA THR B 220 4.34 -4.85 9.41
C THR B 220 4.63 -6.08 10.27
N ALA B 221 3.87 -6.27 11.36
CA ALA B 221 4.16 -7.32 12.31
C ALA B 221 3.96 -8.70 11.69
N LYS B 222 3.00 -8.82 10.78
CA LYS B 222 2.67 -10.08 10.15
C LYS B 222 3.30 -10.19 8.76
N SER B 223 3.48 -9.05 8.09
CA SER B 223 4.01 -9.00 6.74
C SER B 223 4.72 -7.67 6.52
N PRO B 224 6.07 -7.63 6.49
CA PRO B 224 6.80 -6.38 6.25
C PRO B 224 6.53 -5.70 4.91
N LEU B 225 6.03 -6.47 3.94
CA LEU B 225 5.65 -5.95 2.63
C LEU B 225 4.16 -6.19 2.40
N MET B 226 3.52 -5.27 1.66
CA MET B 226 2.15 -5.47 1.21
C MET B 226 1.92 -4.71 -0.09
N TYR B 227 1.10 -5.30 -0.97
CA TYR B 227 0.84 -4.78 -2.30
C TYR B 227 -0.66 -4.89 -2.59
N GLU B 228 -1.14 -4.09 -3.55
CA GLU B 228 -2.56 -4.11 -3.89
C GLU B 228 -2.73 -3.70 -5.34
N TRP B 229 -3.83 -4.18 -5.94
CA TRP B 229 -4.22 -3.73 -7.27
C TRP B 229 -5.73 -3.57 -7.30
N TYR B 230 -6.21 -2.46 -7.87
CA TYR B 230 -7.64 -2.26 -7.99
C TYR B 230 -8.28 -2.40 -6.61
N GLN B 231 -7.61 -1.85 -5.59
CA GLN B 231 -8.10 -1.74 -4.21
C GLN B 231 -8.37 -3.09 -3.56
N GLU B 232 -7.59 -4.12 -3.92
CA GLU B 232 -7.69 -5.41 -3.25
C GLU B 232 -6.30 -6.00 -3.05
N TYR B 233 -6.16 -6.81 -2.00
CA TYR B 233 -4.91 -7.50 -1.73
C TYR B 233 -4.90 -8.84 -2.45
N TYR B 234 -4.55 -8.84 -3.74
CA TYR B 234 -4.50 -10.07 -4.52
C TYR B 234 -3.33 -10.92 -4.05
N VAL B 235 -3.50 -12.25 -4.09
CA VAL B 235 -2.55 -13.21 -3.52
C VAL B 235 -1.71 -13.89 -4.62
N GLY B 236 -2.26 -14.03 -5.83
CA GLY B 236 -1.74 -14.99 -6.81
C GLY B 236 -0.67 -14.38 -7.75
N ALA B 237 -0.36 -15.12 -8.82
CA ALA B 237 0.74 -14.81 -9.73
C ALA B 237 0.42 -13.60 -10.62
N ALA B 238 -0.82 -13.50 -11.11
CA ALA B 238 -1.16 -12.51 -12.13
C ALA B 238 -1.20 -11.09 -11.58
N HIS B 239 -1.89 -10.90 -10.44
CA HIS B 239 -2.15 -9.56 -9.93
C HIS B 239 -1.66 -9.39 -8.49
N GLY B 240 -1.02 -10.43 -7.93
CA GLY B 240 -0.90 -10.47 -6.48
C GLY B 240 0.50 -10.76 -5.93
N LEU B 241 0.51 -11.10 -4.64
CA LEU B 241 1.70 -11.20 -3.82
C LEU B 241 2.65 -12.29 -4.31
N ALA B 242 2.10 -13.44 -4.72
CA ALA B 242 2.91 -14.59 -5.13
C ALA B 242 3.78 -14.24 -6.33
N GLY B 243 3.21 -13.48 -7.29
CA GLY B 243 3.95 -13.03 -8.46
C GLY B 243 5.10 -12.11 -8.09
N ILE B 244 4.78 -11.12 -7.24
CA ILE B 244 5.76 -10.11 -6.84
C ILE B 244 6.91 -10.80 -6.11
N TYR B 245 6.61 -11.69 -5.15
CA TYR B 245 7.66 -12.30 -4.34
C TYR B 245 8.50 -13.28 -5.15
N TYR B 246 7.85 -13.99 -6.09
CA TYR B 246 8.58 -14.87 -6.99
C TYR B 246 9.68 -14.07 -7.68
N TYR B 247 9.35 -12.83 -8.07
CA TYR B 247 10.29 -11.98 -8.78
C TYR B 247 11.37 -11.46 -7.83
N LEU B 248 10.96 -10.97 -6.65
CA LEU B 248 11.91 -10.37 -5.72
C LEU B 248 12.93 -11.39 -5.21
N MET B 249 12.58 -12.67 -5.27
CA MET B 249 13.48 -13.73 -4.84
C MET B 249 14.43 -14.17 -5.95
N GLN B 250 14.28 -13.65 -7.18
CA GLN B 250 15.10 -14.08 -8.30
C GLN B 250 16.52 -13.53 -8.18
N PRO B 251 17.56 -14.40 -8.22
CA PRO B 251 18.95 -13.93 -8.21
C PRO B 251 19.25 -12.87 -9.26
N SER B 252 18.51 -12.86 -10.38
CA SER B 252 18.76 -11.89 -11.43
C SER B 252 18.28 -10.49 -11.06
N LEU B 253 17.39 -10.36 -10.07
CA LEU B 253 16.95 -9.06 -9.59
C LEU B 253 17.90 -8.53 -8.50
N GLN B 254 18.78 -9.40 -8.00
CA GLN B 254 19.90 -9.03 -7.13
C GLN B 254 19.46 -8.28 -5.87
N VAL B 255 18.29 -8.61 -5.33
CA VAL B 255 17.91 -8.08 -4.02
C VAL B 255 18.94 -8.55 -3.00
N SER B 256 19.35 -7.64 -2.10
CA SER B 256 20.37 -7.89 -1.10
C SER B 256 19.93 -9.00 -0.16
N GLN B 257 20.90 -9.73 0.39
CA GLN B 257 20.66 -10.74 1.42
C GLN B 257 19.90 -10.09 2.58
N GLY B 258 20.25 -8.84 2.89
CA GLY B 258 19.62 -8.07 3.95
C GLY B 258 18.11 -8.00 3.77
N LYS B 259 17.69 -7.52 2.60
CA LYS B 259 16.28 -7.30 2.31
C LYS B 259 15.55 -8.63 2.06
N LEU B 260 16.27 -9.62 1.52
CA LEU B 260 15.69 -10.92 1.22
CA LEU B 260 15.69 -10.92 1.22
C LEU B 260 15.19 -11.57 2.51
N HIS B 261 16.00 -11.46 3.57
CA HIS B 261 15.69 -12.08 4.86
C HIS B 261 14.80 -11.19 5.73
N SER B 262 15.04 -9.87 5.72
CA SER B 262 14.32 -9.01 6.64
C SER B 262 12.93 -8.64 6.12
N LEU B 263 12.75 -8.61 4.79
CA LEU B 263 11.50 -8.14 4.21
C LEU B 263 10.77 -9.24 3.41
N VAL B 264 11.49 -9.89 2.49
CA VAL B 264 10.86 -10.80 1.53
C VAL B 264 10.42 -12.09 2.21
N LYS B 265 11.31 -12.71 2.99
CA LYS B 265 11.02 -14.03 3.55
C LYS B 265 9.78 -13.99 4.45
N PRO B 266 9.65 -13.07 5.42
CA PRO B 266 8.47 -13.04 6.29
C PRO B 266 7.19 -12.75 5.52
N SER B 267 7.29 -12.02 4.41
CA SER B 267 6.13 -11.69 3.60
C SER B 267 5.67 -12.93 2.82
N VAL B 268 6.65 -13.74 2.36
CA VAL B 268 6.38 -15.02 1.75
C VAL B 268 5.66 -15.92 2.76
N ASP B 269 6.16 -15.93 4.00
CA ASP B 269 5.59 -16.81 5.01
C ASP B 269 4.15 -16.42 5.29
N TYR B 270 3.85 -15.11 5.21
CA TYR B 270 2.49 -14.63 5.40
C TYR B 270 1.57 -15.25 4.35
N VAL B 271 2.02 -15.25 3.08
CA VAL B 271 1.24 -15.85 2.00
C VAL B 271 1.03 -17.35 2.28
N CYS B 272 2.08 -18.05 2.73
CA CYS B 272 1.99 -19.48 2.96
C CYS B 272 0.89 -19.78 3.97
N GLN B 273 0.73 -18.88 4.94
CA GLN B 273 -0.21 -19.00 6.04
C GLN B 273 -1.65 -18.78 5.54
N LEU B 274 -1.82 -18.29 4.30
CA LEU B 274 -3.14 -18.08 3.71
C LEU B 274 -3.70 -19.37 3.09
N LYS B 275 -2.87 -20.40 2.98
CA LYS B 275 -3.23 -21.66 2.34
C LYS B 275 -4.56 -22.19 2.92
N PHE B 276 -5.47 -22.63 2.04
CA PHE B 276 -6.70 -23.30 2.46
C PHE B 276 -6.37 -24.71 2.94
N PRO B 277 -7.25 -25.36 3.73
CA PRO B 277 -7.05 -26.77 4.11
C PRO B 277 -6.72 -27.71 2.95
N SER B 278 -7.27 -27.40 1.76
CA SER B 278 -7.12 -28.24 0.58
C SER B 278 -5.73 -28.12 -0.04
N GLY B 279 -4.99 -27.08 0.33
CA GLY B 279 -3.69 -26.80 -0.27
C GLY B 279 -3.76 -25.68 -1.31
N ASN B 280 -4.98 -25.29 -1.68
CA ASN B 280 -5.19 -24.19 -2.63
C ASN B 280 -5.06 -22.86 -1.89
N TYR B 281 -5.12 -21.74 -2.65
CA TYR B 281 -4.91 -20.40 -2.11
C TYR B 281 -6.07 -19.50 -2.50
N PRO B 282 -6.51 -18.57 -1.61
CA PRO B 282 -7.54 -17.59 -1.94
C PRO B 282 -7.04 -16.61 -3.01
N PRO B 283 -7.94 -16.07 -3.86
CA PRO B 283 -7.57 -15.02 -4.81
C PRO B 283 -7.12 -13.73 -4.14
N CYS B 284 -7.77 -13.38 -3.01
CA CYS B 284 -7.47 -12.19 -2.25
C CYS B 284 -7.47 -12.52 -0.76
N ILE B 285 -6.73 -11.74 0.04
CA ILE B 285 -6.79 -11.88 1.48
C ILE B 285 -8.25 -11.70 1.90
N GLY B 286 -8.75 -12.64 2.72
CA GLY B 286 -10.08 -12.51 3.28
C GLY B 286 -11.13 -13.31 2.51
N ASP B 287 -10.78 -13.81 1.32
CA ASP B 287 -11.71 -14.57 0.50
C ASP B 287 -11.84 -15.99 1.05
N ASN B 288 -13.07 -16.45 1.19
CA ASN B 288 -13.35 -17.70 1.89
C ASN B 288 -13.68 -18.83 0.91
N ARG B 289 -13.86 -18.50 -0.37
CA ARG B 289 -14.26 -19.50 -1.35
C ARG B 289 -13.01 -20.15 -1.96
N ASP B 290 -12.93 -21.47 -1.80
CA ASP B 290 -11.89 -22.29 -2.40
C ASP B 290 -12.44 -22.84 -3.72
N LEU B 291 -12.14 -22.14 -4.83
CA LEU B 291 -12.86 -22.39 -6.07
C LEU B 291 -11.93 -22.44 -7.30
N LEU B 292 -10.99 -21.49 -7.38
CA LEU B 292 -10.21 -21.29 -8.60
C LEU B 292 -8.86 -21.99 -8.50
N VAL B 293 -8.60 -22.85 -9.49
CA VAL B 293 -7.33 -23.54 -9.68
C VAL B 293 -6.74 -23.05 -11.00
N HIS B 294 -6.23 -21.81 -10.99
CA HIS B 294 -5.70 -21.16 -12.18
C HIS B 294 -4.28 -20.67 -11.93
N TRP B 295 -3.53 -20.42 -13.00
CA TRP B 295 -2.30 -19.64 -12.89
C TRP B 295 -2.59 -18.26 -12.27
N CYS B 296 -3.67 -17.60 -12.71
CA CYS B 296 -3.91 -16.22 -12.26
C CYS B 296 -4.32 -16.17 -10.79
N HIS B 297 -5.09 -17.17 -10.33
CA HIS B 297 -5.60 -17.26 -8.96
C HIS B 297 -5.51 -18.70 -8.47
N GLY B 298 -4.79 -18.93 -7.36
CA GLY B 298 -4.73 -20.25 -6.75
C GLY B 298 -3.39 -20.97 -6.96
N ALA B 299 -3.40 -22.29 -6.68
CA ALA B 299 -2.21 -23.13 -6.59
C ALA B 299 -1.33 -23.07 -7.84
N PRO B 300 -1.85 -23.13 -9.09
CA PRO B 300 -0.99 -23.14 -10.27
C PRO B 300 -0.10 -21.90 -10.44
N GLY B 301 -0.46 -20.81 -9.74
CA GLY B 301 0.34 -19.60 -9.76
C GLY B 301 1.23 -19.45 -8.53
N VAL B 302 0.68 -19.82 -7.37
CA VAL B 302 1.38 -19.66 -6.10
C VAL B 302 2.57 -20.61 -6.04
N ILE B 303 2.51 -21.74 -6.77
CA ILE B 303 3.54 -22.77 -6.72
C ILE B 303 4.92 -22.19 -7.06
N TYR B 304 4.97 -21.22 -7.98
CA TYR B 304 6.22 -20.62 -8.42
C TYR B 304 6.92 -19.95 -7.24
N MET B 305 6.15 -19.23 -6.42
CA MET B 305 6.68 -18.57 -5.24
C MET B 305 7.25 -19.61 -4.29
N LEU B 306 6.52 -20.71 -4.08
CA LEU B 306 6.93 -21.75 -3.14
C LEU B 306 8.22 -22.44 -3.59
N ILE B 307 8.33 -22.74 -4.89
CA ILE B 307 9.50 -23.41 -5.44
C ILE B 307 10.71 -22.47 -5.36
N GLN B 308 10.49 -21.19 -5.68
CA GLN B 308 11.59 -20.23 -5.61
C GLN B 308 12.06 -20.08 -4.16
N ALA B 309 11.12 -20.01 -3.21
CA ALA B 309 11.47 -19.90 -1.79
C ALA B 309 12.28 -21.11 -1.32
N TYR B 310 11.91 -22.30 -1.79
CA TYR B 310 12.68 -23.49 -1.46
C TYR B 310 14.11 -23.36 -2.01
N LYS B 311 14.25 -22.88 -3.25
CA LYS B 311 15.54 -22.80 -3.90
C LYS B 311 16.47 -21.83 -3.17
N VAL B 312 15.91 -20.69 -2.71
CA VAL B 312 16.69 -19.58 -2.17
CA VAL B 312 16.74 -19.62 -2.18
C VAL B 312 16.92 -19.78 -0.67
N PHE B 313 15.91 -20.33 0.02
CA PHE B 313 15.96 -20.39 1.48
C PHE B 313 16.26 -21.81 1.98
N ARG B 314 16.02 -22.82 1.13
CA ARG B 314 16.40 -24.20 1.38
C ARG B 314 15.67 -24.77 2.60
N GLU B 315 14.43 -24.36 2.82
CA GLU B 315 13.63 -24.90 3.91
C GLU B 315 12.57 -25.83 3.35
N GLU B 316 12.45 -27.02 3.95
CA GLU B 316 11.65 -28.12 3.42
C GLU B 316 10.16 -27.76 3.38
N LYS B 317 9.71 -26.91 4.30
CA LYS B 317 8.30 -26.54 4.39
C LYS B 317 7.79 -25.99 3.05
N TYR B 318 8.65 -25.24 2.33
CA TYR B 318 8.25 -24.62 1.07
C TYR B 318 8.05 -25.71 0.01
N LEU B 319 8.93 -26.72 0.03
CA LEU B 319 8.85 -27.83 -0.89
C LEU B 319 7.59 -28.64 -0.60
N CYS B 320 7.29 -28.90 0.68
CA CYS B 320 6.13 -29.71 0.99
CA CYS B 320 6.11 -29.65 1.09
C CYS B 320 4.85 -28.97 0.58
N ASP B 321 4.83 -27.64 0.69
CA ASP B 321 3.71 -26.84 0.22
C ASP B 321 3.54 -26.99 -1.29
N ALA B 322 4.67 -27.00 -2.02
CA ALA B 322 4.66 -27.12 -3.48
C ALA B 322 4.11 -28.48 -3.91
N TYR B 323 4.55 -29.55 -3.23
CA TYR B 323 4.00 -30.88 -3.47
C TYR B 323 2.48 -30.86 -3.32
N GLN B 324 1.99 -30.12 -2.31
CA GLN B 324 0.56 -30.06 -2.08
C GLN B 324 -0.13 -29.34 -3.24
N CYS B 325 0.49 -28.27 -3.76
CA CYS B 325 -0.06 -27.57 -4.92
C CYS B 325 -0.22 -28.54 -6.08
N ALA B 326 0.83 -29.33 -6.36
CA ALA B 326 0.85 -30.27 -7.48
C ALA B 326 -0.29 -31.28 -7.34
N ASP B 327 -0.58 -31.70 -6.10
CA ASP B 327 -1.61 -32.69 -5.85
C ASP B 327 -3.01 -32.09 -6.05
N VAL B 328 -3.22 -30.83 -5.67
CA VAL B 328 -4.49 -30.15 -5.90
C VAL B 328 -4.72 -30.05 -7.41
N ILE B 329 -3.64 -29.75 -8.13
CA ILE B 329 -3.72 -29.51 -9.56
C ILE B 329 -3.98 -30.83 -10.28
N TRP B 330 -3.33 -31.91 -9.82
CA TRP B 330 -3.51 -33.23 -10.42
C TRP B 330 -4.98 -33.65 -10.27
N GLN B 331 -5.56 -33.33 -9.11
CA GLN B 331 -6.94 -33.69 -8.83
C GLN B 331 -7.90 -32.78 -9.58
N TYR B 332 -7.64 -31.46 -9.55
CA TYR B 332 -8.67 -30.50 -9.92
C TYR B 332 -8.22 -29.54 -11.03
N GLY B 333 -7.15 -29.92 -11.75
CA GLY B 333 -6.49 -28.99 -12.66
C GLY B 333 -6.98 -29.04 -14.10
N LEU B 334 -7.70 -30.11 -14.48
CA LEU B 334 -8.27 -30.20 -15.83
C LEU B 334 -9.56 -29.38 -15.85
N LEU B 335 -9.49 -28.15 -16.38
CA LEU B 335 -10.55 -27.18 -16.17
C LEU B 335 -11.62 -27.24 -17.24
N LYS B 336 -12.88 -27.10 -16.80
CA LYS B 336 -14.00 -26.90 -17.71
C LYS B 336 -13.83 -25.56 -18.44
N LYS B 337 -13.02 -24.66 -17.87
CA LYS B 337 -12.82 -23.33 -18.43
C LYS B 337 -12.13 -23.40 -19.80
N GLY B 338 -11.28 -24.41 -20.02
CA GLY B 338 -10.57 -24.53 -21.28
C GLY B 338 -9.12 -25.00 -21.12
N TYR B 339 -8.31 -24.80 -22.17
CA TYR B 339 -6.98 -25.39 -22.29
C TYR B 339 -5.88 -24.33 -22.21
N GLY B 340 -6.23 -23.09 -21.88
CA GLY B 340 -5.31 -21.97 -22.03
C GLY B 340 -4.31 -21.89 -20.87
N LEU B 341 -3.49 -20.83 -20.87
CA LEU B 341 -2.40 -20.68 -19.91
C LEU B 341 -2.86 -19.95 -18.65
N CYS B 342 -3.56 -18.82 -18.81
CA CYS B 342 -3.91 -17.94 -17.68
C CYS B 342 -4.85 -18.67 -16.71
N HIS B 343 -5.80 -19.42 -17.27
CA HIS B 343 -6.73 -20.20 -16.48
C HIS B 343 -7.21 -21.39 -17.30
N GLY B 344 -6.36 -22.41 -17.43
CA GLY B 344 -6.65 -23.56 -18.27
C GLY B 344 -5.66 -24.69 -18.05
N SER B 345 -5.90 -25.82 -18.73
CA SER B 345 -5.19 -27.06 -18.49
C SER B 345 -3.71 -26.96 -18.86
N ALA B 346 -3.38 -26.25 -19.94
CA ALA B 346 -1.99 -26.11 -20.34
C ALA B 346 -1.20 -25.28 -19.33
N GLY B 347 -1.76 -24.15 -18.87
CA GLY B 347 -1.12 -23.35 -17.84
C GLY B 347 -0.91 -24.14 -16.55
N ASN B 348 -1.92 -24.93 -16.18
CA ASN B 348 -1.83 -25.80 -15.02
C ASN B 348 -0.72 -26.84 -15.19
N ALA B 349 -0.55 -27.38 -16.40
CA ALA B 349 0.47 -28.39 -16.66
C ALA B 349 1.88 -27.86 -16.38
N TYR B 350 2.08 -26.55 -16.57
CA TYR B 350 3.41 -25.96 -16.38
C TYR B 350 3.86 -26.08 -14.92
N ALA B 351 2.89 -26.08 -13.99
CA ALA B 351 3.20 -26.28 -12.57
C ALA B 351 3.93 -27.61 -12.34
N PHE B 352 3.54 -28.66 -13.09
CA PHE B 352 4.22 -29.95 -12.97
C PHE B 352 5.64 -29.88 -13.51
N LEU B 353 5.84 -29.16 -14.63
CA LEU B 353 7.16 -29.06 -15.22
C LEU B 353 8.14 -28.32 -14.29
N THR B 354 7.66 -27.26 -13.61
CA THR B 354 8.53 -26.53 -12.70
C THR B 354 8.95 -27.45 -11.56
N LEU B 355 8.01 -28.22 -11.03
CA LEU B 355 8.34 -29.14 -9.95
C LEU B 355 9.26 -30.25 -10.45
N TYR B 356 9.08 -30.70 -11.70
CA TYR B 356 9.96 -31.71 -12.28
C TYR B 356 11.37 -31.14 -12.40
N ASN B 357 11.47 -29.87 -12.82
CA ASN B 357 12.76 -29.27 -13.11
C ASN B 357 13.52 -28.98 -11.81
N LEU B 358 12.80 -28.87 -10.69
CA LEU B 358 13.45 -28.72 -9.40
C LEU B 358 13.95 -30.07 -8.89
N THR B 359 13.13 -31.13 -9.00
CA THR B 359 13.37 -32.37 -8.27
C THR B 359 13.96 -33.48 -9.14
N GLN B 360 13.70 -33.44 -10.45
CA GLN B 360 14.02 -34.52 -11.39
C GLN B 360 13.20 -35.76 -11.07
N ASP B 361 12.09 -35.59 -10.36
CA ASP B 361 11.14 -36.65 -10.09
C ASP B 361 10.26 -36.85 -11.33
N MET B 362 10.40 -38.02 -11.98
CA MET B 362 9.75 -38.33 -13.24
C MET B 362 8.23 -38.32 -13.10
N LYS B 363 7.74 -38.48 -11.87
CA LYS B 363 6.32 -38.43 -11.57
C LYS B 363 5.69 -37.14 -12.11
N TYR B 364 6.41 -36.04 -12.03
CA TYR B 364 5.84 -34.75 -12.38
C TYR B 364 5.92 -34.51 -13.88
N LEU B 365 6.95 -35.05 -14.55
CA LEU B 365 7.00 -35.03 -16.00
C LEU B 365 5.83 -35.85 -16.55
N TYR B 366 5.60 -37.01 -15.93
CA TYR B 366 4.46 -37.86 -16.26
C TYR B 366 3.15 -37.07 -16.16
N ARG B 367 2.93 -36.33 -15.06
CA ARG B 367 1.68 -35.59 -14.92
C ARG B 367 1.52 -34.56 -16.03
N ALA B 368 2.63 -33.91 -16.42
CA ALA B 368 2.61 -32.94 -17.52
C ALA B 368 2.20 -33.60 -18.84
N CYS B 369 2.74 -34.81 -19.09
CA CYS B 369 2.50 -35.52 -20.34
C CYS B 369 1.03 -35.94 -20.43
N LYS B 370 0.44 -36.31 -19.28
CA LYS B 370 -0.97 -36.68 -19.25
C LYS B 370 -1.84 -35.44 -19.50
N PHE B 371 -1.45 -34.28 -18.96
CA PHE B 371 -2.20 -33.06 -19.24
C PHE B 371 -2.12 -32.70 -20.72
N ALA B 372 -0.95 -32.97 -21.33
CA ALA B 372 -0.79 -32.81 -22.77
C ALA B 372 -1.69 -33.77 -23.53
N GLU B 373 -1.81 -35.01 -23.03
CA GLU B 373 -2.70 -36.01 -23.61
C GLU B 373 -4.11 -35.44 -23.69
N TRP B 374 -4.55 -34.80 -22.60
CA TRP B 374 -5.85 -34.13 -22.55
C TRP B 374 -5.96 -33.04 -23.62
N CYS B 375 -4.93 -32.18 -23.73
CA CYS B 375 -4.95 -31.09 -24.69
C CYS B 375 -4.96 -31.63 -26.13
N LEU B 376 -4.51 -32.88 -26.33
CA LEU B 376 -4.47 -33.47 -27.65
C LEU B 376 -5.88 -33.78 -28.14
N GLU B 377 -6.87 -33.80 -27.24
CA GLU B 377 -8.26 -33.93 -27.61
C GLU B 377 -8.96 -32.56 -27.56
N TYR B 378 -8.21 -31.51 -27.92
CA TYR B 378 -8.68 -30.13 -27.94
C TYR B 378 -10.09 -30.07 -28.54
N GLY B 379 -11.04 -29.50 -27.80
CA GLY B 379 -12.36 -29.18 -28.33
C GLY B 379 -13.36 -30.34 -28.23
N GLU B 380 -12.98 -31.43 -27.58
CA GLU B 380 -13.85 -32.60 -27.53
C GLU B 380 -14.44 -32.80 -26.13
N HIS B 381 -14.33 -31.80 -25.25
CA HIS B 381 -14.70 -31.97 -23.85
C HIS B 381 -15.87 -31.06 -23.45
N GLY B 382 -16.30 -30.17 -24.36
CA GLY B 382 -17.39 -29.26 -24.09
C GLY B 382 -16.94 -28.02 -23.31
N CYS B 383 -15.64 -27.69 -23.41
CA CYS B 383 -15.08 -26.51 -22.78
C CYS B 383 -15.67 -25.24 -23.39
N ARG B 384 -15.82 -24.22 -22.54
CA ARG B 384 -16.18 -22.86 -22.95
C ARG B 384 -15.19 -22.36 -24.01
N THR B 385 -15.70 -21.59 -24.97
CA THR B 385 -14.87 -20.88 -25.93
C THR B 385 -14.32 -19.61 -25.26
N PRO B 386 -12.99 -19.37 -25.30
CA PRO B 386 -12.41 -18.17 -24.70
C PRO B 386 -12.89 -16.92 -25.41
N ASP B 387 -12.81 -15.78 -24.72
CA ASP B 387 -13.14 -14.48 -25.28
C ASP B 387 -12.19 -14.14 -26.43
N THR B 388 -10.90 -14.48 -26.29
CA THR B 388 -9.97 -14.44 -27.41
C THR B 388 -9.49 -15.86 -27.69
N PRO B 389 -10.17 -16.59 -28.60
CA PRO B 389 -9.96 -18.04 -28.77
C PRO B 389 -8.59 -18.50 -29.26
N PHE B 390 -7.79 -17.57 -29.79
CA PHE B 390 -6.54 -17.90 -30.45
C PHE B 390 -5.34 -17.23 -29.77
N SER B 391 -5.57 -16.51 -28.67
CA SER B 391 -4.54 -15.68 -28.05
C SER B 391 -3.55 -16.51 -27.23
N LEU B 392 -2.42 -15.89 -26.83
CA LEU B 392 -1.41 -16.56 -26.02
C LEU B 392 -1.96 -16.94 -24.64
N PHE B 393 -2.67 -16.02 -23.97
CA PHE B 393 -2.99 -16.29 -22.56
C PHE B 393 -4.41 -16.82 -22.37
N GLU B 394 -5.32 -16.55 -23.32
CA GLU B 394 -6.69 -17.00 -23.19
C GLU B 394 -6.97 -18.20 -24.11
N GLY B 395 -6.26 -18.30 -25.24
CA GLY B 395 -6.66 -19.27 -26.25
C GLY B 395 -5.55 -20.19 -26.74
N MET B 396 -5.69 -20.58 -28.02
CA MET B 396 -5.01 -21.69 -28.66
C MET B 396 -3.50 -21.48 -28.73
N ALA B 397 -3.06 -20.23 -28.97
CA ALA B 397 -1.63 -19.96 -29.10
C ALA B 397 -0.87 -20.44 -27.85
N GLY B 398 -1.49 -20.25 -26.68
CA GLY B 398 -0.87 -20.67 -25.43
C GLY B 398 -0.78 -22.19 -25.31
N THR B 399 -1.84 -22.90 -25.72
CA THR B 399 -1.88 -24.34 -25.68
C THR B 399 -0.83 -24.93 -26.63
N ILE B 400 -0.70 -24.33 -27.82
CA ILE B 400 0.30 -24.74 -28.78
C ILE B 400 1.68 -24.52 -28.18
N TYR B 401 1.86 -23.35 -27.53
CA TYR B 401 3.15 -23.01 -26.93
C TYR B 401 3.58 -24.14 -25.99
N PHE B 402 2.65 -24.57 -25.13
CA PHE B 402 2.91 -25.60 -24.13
C PHE B 402 3.32 -26.91 -24.80
N LEU B 403 2.57 -27.32 -25.84
CA LEU B 403 2.82 -28.62 -26.47
C LEU B 403 4.23 -28.65 -27.07
N ALA B 404 4.64 -27.53 -27.67
CA ALA B 404 5.95 -27.43 -28.31
C ALA B 404 7.06 -27.36 -27.25
N ASP B 405 6.78 -26.71 -26.13
CA ASP B 405 7.73 -26.56 -25.03
C ASP B 405 7.99 -27.92 -24.39
N LEU B 406 6.96 -28.78 -24.35
CA LEU B 406 7.07 -30.10 -23.74
C LEU B 406 8.08 -30.98 -24.49
N LEU B 407 8.40 -30.64 -25.75
CA LEU B 407 9.26 -31.48 -26.56
C LEU B 407 10.66 -31.61 -25.96
N VAL B 408 11.09 -30.59 -25.22
CA VAL B 408 12.34 -30.63 -24.46
C VAL B 408 12.03 -30.15 -23.04
N PRO B 409 11.58 -31.05 -22.14
CA PRO B 409 11.01 -30.64 -20.85
C PRO B 409 11.92 -29.82 -19.94
N THR B 410 13.23 -30.10 -19.98
CA THR B 410 14.16 -29.44 -19.07
C THR B 410 14.32 -27.96 -19.39
N LYS B 411 13.94 -27.55 -20.61
CA LYS B 411 14.07 -26.16 -21.02
C LYS B 411 12.73 -25.42 -20.98
N ALA B 412 11.64 -26.15 -20.67
CA ALA B 412 10.30 -25.60 -20.71
C ALA B 412 10.12 -24.54 -19.61
N ARG B 413 9.45 -23.42 -19.95
CA ARG B 413 9.19 -22.34 -19.00
C ARG B 413 7.85 -21.70 -19.35
N PHE B 414 7.02 -21.45 -18.32
CA PHE B 414 5.75 -20.75 -18.52
C PHE B 414 6.05 -19.41 -19.19
N PRO B 415 5.55 -19.16 -20.42
CA PRO B 415 5.92 -17.96 -21.17
C PRO B 415 5.39 -16.66 -20.55
N ALA B 416 6.13 -15.57 -20.80
CA ALA B 416 5.82 -14.23 -20.31
C ALA B 416 5.75 -14.21 -18.79
N PHE B 417 6.51 -15.11 -18.13
CA PHE B 417 6.40 -15.13 -16.68
C PHE B 417 7.61 -15.77 -16.02
N GLU B 418 7.85 -17.05 -16.33
CA GLU B 418 8.80 -17.84 -15.55
C GLU B 418 10.22 -17.48 -15.99
N LEU B 419 11.11 -17.38 -15.00
CA LEU B 419 12.52 -17.07 -15.24
C LEU B 419 13.33 -18.38 -15.19
N GLY C 1 4.92 7.13 0.17
CA GLY C 1 5.62 7.09 1.49
C GLY C 1 4.76 6.47 2.58
N PHE C 2 5.35 6.30 3.77
CA PHE C 2 4.62 5.90 4.97
C PHE C 2 4.07 7.15 5.67
N LEU C 3 3.04 6.96 6.50
CA LEU C 3 2.42 8.08 7.21
C LEU C 3 3.38 8.58 8.29
N GLU C 5 6.70 10.16 7.29
CA GLU C 5 8.05 9.85 6.75
C GLU C 5 8.95 11.08 6.84
N TYR C 6 10.25 10.84 7.12
CA TYR C 6 11.27 11.86 7.17
C TYR C 6 10.92 12.94 8.21
N GLY D 1 -16.25 -8.94 -18.46
CA GLY D 1 -15.45 -8.58 -17.24
C GLY D 1 -14.11 -7.92 -17.59
N PHE D 2 -13.27 -7.74 -16.57
CA PHE D 2 -11.92 -7.22 -16.74
C PHE D 2 -10.91 -8.37 -16.69
N LEU D 3 -9.75 -8.17 -17.32
CA LEU D 3 -8.70 -9.18 -17.41
C LEU D 3 -8.15 -9.45 -16.01
N GLU D 5 -10.27 -10.99 -13.31
CA GLU D 5 -11.30 -10.87 -12.22
C GLU D 5 -11.54 -12.26 -11.59
N TYR D 6 -12.07 -12.27 -10.36
CA TYR D 6 -12.24 -13.52 -9.64
C TYR D 6 -13.71 -13.70 -9.18
#